data_7EA5
#
_entry.id   7EA5
#
_cell.length_a   1.00
_cell.length_b   1.00
_cell.length_c   1.00
_cell.angle_alpha   90.00
_cell.angle_beta   90.00
_cell.angle_gamma   90.00
#
_symmetry.space_group_name_H-M   'P 1'
#
loop_
_entity.id
_entity.type
_entity.pdbx_description
1 polymer 'Histone H3'
2 polymer 'Histone H4'
3 polymer 'Histone H2A'
4 polymer 'Histone H2B'
5 polymer 601-DNA
6 polymer 601-DNA
7 polymer 'Histone-lysine N-methyltransferase, H3 lysine-36 specific'
8 non-polymer 'ZINC ION'
9 non-polymer S-ADENOSYLMETHIONINE
#
loop_
_entity_poly.entity_id
_entity_poly.type
_entity_poly.pdbx_seq_one_letter_code
_entity_poly.pdbx_strand_id
1 'polypeptide(L)'
;GVMKPHRYRPGTVALREIRRYQKSTELLIRKLPFQRLVREIAQDFKTDLRFQSSAVMALQEASEAYLVALFEDTNLCAIH
AKRVTIMPKDIQLARRIRGER
;
A,E
2 'polypeptide(L)' DNIQGITKPAIRRLARRGGVKRISGLIYEETRGVLKVFLENVIRDAVTYTEHAKRKTVTAMDVVYALKRQGRTLYGFG B,F
3 'polypeptide(L)'
;KAKTRSSRAGLQFPVGRVHRLLRKGNYAERVGAGAPVYLAAVLEYLTAEILELAGNAARDNKKTRIIPRHLQLAVRNDEE
LNKLLGRVTIAQGGVLPNIQSVLLP
;
C,G
4 'polypeptide(L)'
;KTRKESYAIYVYKVLKQVHPDTGISSKAMSIMNSFVNDVFERIAGEASRLAHYNKRSTITSREIQTAVRLLLPGELAKHA
VSEGTKAVTKYTS
;
D,H
5 'polydeoxyribonucleotide'
;(DT)(DC)(DG)(DA)(DG)(DA)(DA)(DT)(DC)(DC)(DC)(DG)(DG)(DT)(DG)(DC)(DC)(DG)(DA)(DG)
(DG)(DC)(DC)(DG)(DC)(DT)(DC)(DA)(DA)(DT)(DT)(DG)(DG)(DT)(DC)(DG)(DT)(DA)(DG)(DA)
(DC)(DA)(DG)(DC)(DT)(DC)(DT)(DA)(DG)(DC)(DA)(DC)(DC)(DG)(DC)(DT)(DT)(DA)(DA)(DA)
(DC)(DG)(DC)(DA)(DC)(DG)(DT)(DA)(DC)(DG)(DC)(DG)(DC)(DT)(DG)(DT)(DC)(DC)(DC)(DC)
(DC)(DG)(DC)(DG)(DT)(DT)(DT)(DT)(DA)(DA)(DC)(DC)(DG)(DC)(DC)(DA)(DA)(DG)(DG)(DG)
(DG)(DA)(DT)(DT)(DA)(DC)(DT)(DC)(DC)(DC)(DT)(DA)(DG)(DT)(DC)(DT)(DC)(DC)(DA)(DG)
(DG)(DC)(DA)(DC)(DG)(DT)(DG)(DT)(DC)(DA)(DG)(DA)(DT)(DA)(DT)(DA)(DT)(DA)(DC)(DA)
(DT)(DC)(DC)(DG)(DA)
;
I
6 'polydeoxyribonucleotide'
;(DT)(DC)(DG)(DG)(DA)(DT)(DG)(DT)(DA)(DT)(DA)(DT)(DA)(DT)(DC)(DT)(DG)(DA)(DC)(DA)
(DC)(DG)(DT)(DG)(DC)(DC)(DT)(DG)(DG)(DA)(DG)(DA)(DC)(DT)(DA)(DG)(DG)(DG)(DA)(DG)
(DT)(DA)(DA)(DT)(DC)(DC)(DC)(DC)(DT)(DT)(DG)(DG)(DC)(DG)(DG)(DT)(DT)(DA)(DA)(DA)
(DA)(DC)(DG)(DC)(DG)(DG)(DG)(DG)(DG)(DA)(DC)(DA)(DG)(DC)(DG)(DC)(DG)(DT)(DA)(DC)
(DG)(DT)(DG)(DC)(DG)(DT)(DT)(DT)(DA)(DA)(DG)(DC)(DG)(DG)(DT)(DG)(DC)(DT)(DA)(DG)
(DA)(DG)(DC)(DT)(DG)(DT)(DC)(DT)(DA)(DC)(DG)(DA)(DC)(DC)(DA)(DA)(DT)(DT)(DG)(DA)
(DG)(DC)(DG)(DG)(DC)(DC)(DT)(DC)(DG)(DG)(DC)(DA)(DC)(DC)(DG)(DG)(DG)(DA)(DT)(DT)
(DC)(DT)(DC)(DG)(DA)
;
J
7 'polypeptide(L)'
;EPDLTEEALTKFENLDDCIYANKRIGTFKNNDFMECDCYEEFSDGVNHACDEDSDCINRLTLIECVNDLCSSCGNDCQNQ
RFQKKQYAPIAIFKTKHKGYGVRAEQDIEANQFIYEYKGEVIEEMEFRDRLIDYDQRHFKHFYFMMLQNGEFIDATIKGS
LARFCNHSCSPNAYVNKWVVKDKLRMGIFAQRKILKGEEITFDYNVDRYGAQAQKCYCEEPNCIGFLG
;
K
#
# COMPACT_ATOMS: atom_id res chain seq x y z
N GLY A 1 29.32 -26.60 36.87
CA GLY A 1 28.97 -25.54 35.94
C GLY A 1 27.49 -25.50 35.62
N VAL A 2 27.08 -24.50 34.83
CA VAL A 2 25.69 -24.36 34.43
C VAL A 2 25.51 -24.90 33.02
N MET A 3 24.62 -25.86 32.86
CA MET A 3 24.32 -26.41 31.55
C MET A 3 23.50 -25.42 30.74
N LYS A 4 23.76 -25.37 29.43
CA LYS A 4 23.11 -24.43 28.51
C LYS A 4 22.51 -25.21 27.35
N PRO A 5 21.37 -25.87 27.54
CA PRO A 5 20.84 -26.73 26.48
C PRO A 5 20.00 -26.00 25.45
N HIS A 6 19.57 -24.78 25.71
CA HIS A 6 18.59 -24.10 24.88
C HIS A 6 19.25 -23.07 23.96
N ARG A 7 18.76 -23.03 22.73
CA ARG A 7 19.09 -21.97 21.77
C ARG A 7 17.97 -21.94 20.75
N TYR A 8 17.43 -20.75 20.50
CA TYR A 8 16.29 -20.63 19.60
C TYR A 8 16.71 -20.87 18.15
N ARG A 9 15.87 -21.59 17.42
CA ARG A 9 16.08 -21.79 16.00
C ARG A 9 15.79 -20.48 15.26
N PRO A 10 16.48 -20.22 14.14
CA PRO A 10 16.22 -18.98 13.38
C PRO A 10 14.86 -19.03 12.71
N GLY A 11 14.00 -18.07 13.07
CA GLY A 11 12.67 -18.00 12.51
C GLY A 11 11.59 -17.79 13.55
N THR A 12 11.78 -18.37 14.74
CA THR A 12 10.77 -18.26 15.79
C THR A 12 10.71 -16.86 16.37
N VAL A 13 11.86 -16.31 16.76
CA VAL A 13 11.94 -14.95 17.27
C VAL A 13 11.61 -13.95 16.16
N ALA A 14 11.92 -14.30 14.91
CA ALA A 14 11.57 -13.45 13.76
C ALA A 14 10.06 -13.34 13.59
N LEU A 15 9.34 -14.48 13.63
CA LEU A 15 7.88 -14.45 13.52
C LEU A 15 7.25 -13.80 14.76
N ARG A 16 7.89 -13.93 15.92
CA ARG A 16 7.41 -13.26 17.12
C ARG A 16 7.52 -11.74 16.98
N GLU A 17 8.63 -11.26 16.40
CA GLU A 17 8.76 -9.83 16.14
C GLU A 17 7.81 -9.35 15.05
N ILE A 18 7.51 -10.21 14.06
CA ILE A 18 6.52 -9.87 13.04
C ILE A 18 5.15 -9.67 13.67
N ARG A 19 4.75 -10.58 14.57
CA ARG A 19 3.47 -10.43 15.27
C ARG A 19 3.48 -9.21 16.18
N ARG A 20 4.63 -8.92 16.82
CA ARG A 20 4.73 -7.79 17.73
C ARG A 20 4.57 -6.46 16.98
N TYR A 21 5.27 -6.30 15.86
CA TYR A 21 5.20 -5.04 15.14
C TYR A 21 4.03 -4.97 14.16
N GLN A 22 3.30 -6.05 13.96
CA GLN A 22 2.00 -5.92 13.31
C GLN A 22 0.87 -5.68 14.30
N LYS A 23 1.07 -5.98 15.59
CA LYS A 23 0.09 -5.60 16.59
C LYS A 23 0.29 -4.17 17.09
N SER A 24 1.53 -3.75 17.33
CA SER A 24 1.79 -2.44 17.89
C SER A 24 1.75 -1.36 16.80
N THR A 25 1.28 -0.17 17.19
CA THR A 25 1.24 0.99 16.30
C THR A 25 1.98 2.14 17.01
N GLU A 26 3.19 2.43 16.56
CA GLU A 26 4.01 3.46 17.17
C GLU A 26 4.99 3.99 16.12
N LEU A 27 5.92 4.84 16.56
CA LEU A 27 6.98 5.34 15.70
C LEU A 27 8.15 4.36 15.71
N LEU A 28 8.67 4.08 14.51
CA LEU A 28 9.73 3.09 14.35
C LEU A 28 11.09 3.70 14.07
N ILE A 29 11.14 4.91 13.54
CA ILE A 29 12.38 5.64 13.31
C ILE A 29 12.55 6.64 14.44
N ARG A 30 13.78 6.80 14.92
CA ARG A 30 14.10 7.80 15.92
C ARG A 30 13.83 9.21 15.38
N LYS A 31 13.39 10.09 16.28
CA LYS A 31 12.84 11.38 15.86
C LYS A 31 13.92 12.40 15.53
N LEU A 32 14.94 12.54 16.38
CA LEU A 32 16.00 13.52 16.16
C LEU A 32 16.91 13.23 14.94
N PRO A 33 17.35 11.99 14.65
CA PRO A 33 18.09 11.79 13.39
C PRO A 33 17.24 12.00 12.14
N PHE A 34 15.95 11.65 12.19
CA PHE A 34 15.05 11.93 11.08
C PHE A 34 14.87 13.42 10.89
N GLN A 35 14.79 14.18 11.99
CA GLN A 35 14.65 15.63 11.91
C GLN A 35 15.92 16.28 11.36
N ARG A 36 17.09 15.78 11.77
CA ARG A 36 18.34 16.29 11.22
C ARG A 36 18.48 15.97 9.73
N LEU A 37 18.00 14.79 9.30
CA LEU A 37 18.01 14.44 7.88
C LEU A 37 17.08 15.34 7.07
N VAL A 38 15.89 15.62 7.61
CA VAL A 38 14.94 16.50 6.92
C VAL A 38 15.48 17.92 6.82
N ARG A 39 16.12 18.41 7.88
CA ARG A 39 16.68 19.76 7.85
C ARG A 39 17.89 19.84 6.91
N GLU A 40 18.69 18.77 6.82
CA GLU A 40 19.85 18.79 5.94
C GLU A 40 19.42 18.73 4.47
N ILE A 41 18.40 17.92 4.15
CA ILE A 41 17.92 17.89 2.76
C ILE A 41 17.04 19.09 2.42
N ALA A 42 16.54 19.82 3.42
CA ALA A 42 15.80 21.05 3.16
C ALA A 42 16.69 22.28 3.12
N GLN A 43 17.93 22.16 3.59
CA GLN A 43 18.88 23.26 3.46
C GLN A 43 19.25 23.51 2.00
N ASP A 44 19.23 22.45 1.17
CA ASP A 44 19.61 22.55 -0.23
C ASP A 44 18.56 23.22 -1.11
N PHE A 45 17.34 23.45 -0.60
CA PHE A 45 16.29 24.10 -1.38
C PHE A 45 16.10 25.56 -1.02
N LYS A 46 16.22 25.93 0.26
CA LYS A 46 16.06 27.32 0.68
C LYS A 46 16.86 27.52 1.96
N THR A 47 17.69 28.57 1.97
CA THR A 47 18.52 28.83 3.13
C THR A 47 17.71 29.47 4.25
N ASP A 48 18.06 29.10 5.49
CA ASP A 48 17.50 29.63 6.74
C ASP A 48 15.98 29.40 6.80
N LEU A 49 15.60 28.12 6.81
CA LEU A 49 14.22 27.72 6.98
C LEU A 49 13.89 27.55 8.46
N ARG A 50 12.66 27.13 8.74
CA ARG A 50 12.17 26.93 10.09
C ARG A 50 11.01 25.96 10.02
N PHE A 51 10.98 24.99 10.94
CA PHE A 51 9.99 23.93 10.90
C PHE A 51 9.12 23.96 12.14
N GLN A 52 7.90 23.45 11.99
CA GLN A 52 7.04 23.18 13.13
C GLN A 52 7.30 21.74 13.60
N SER A 53 6.47 21.24 14.50
CA SER A 53 6.58 19.85 14.92
C SER A 53 5.62 18.95 14.16
N SER A 54 4.40 19.43 13.92
CA SER A 54 3.39 18.66 13.21
C SER A 54 3.75 18.40 11.75
N ALA A 55 4.54 19.29 11.13
CA ALA A 55 4.98 19.04 9.76
C ALA A 55 5.97 17.89 9.70
N VAL A 56 6.92 17.84 10.65
CA VAL A 56 7.88 16.76 10.71
C VAL A 56 7.19 15.45 11.08
N MET A 57 6.17 15.52 11.95
CA MET A 57 5.38 14.32 12.26
C MET A 57 4.58 13.83 11.06
N ALA A 58 4.08 14.75 10.23
CA ALA A 58 3.38 14.34 9.01
C ALA A 58 4.33 13.70 8.00
N LEU A 59 5.55 14.25 7.88
CA LEU A 59 6.58 13.64 7.04
C LEU A 59 6.94 12.24 7.51
N GLN A 60 7.06 12.05 8.84
CA GLN A 60 7.41 10.74 9.37
C GLN A 60 6.27 9.74 9.21
N GLU A 61 5.03 10.19 9.41
CA GLU A 61 3.88 9.29 9.22
C GLU A 61 3.67 8.94 7.75
N ALA A 62 4.08 9.81 6.83
CA ALA A 62 4.05 9.43 5.42
C ALA A 62 5.15 8.43 5.08
N SER A 63 6.37 8.66 5.60
CA SER A 63 7.51 7.81 5.27
C SER A 63 7.35 6.40 5.84
N GLU A 64 6.74 6.29 7.03
CA GLU A 64 6.48 4.98 7.63
C GLU A 64 5.58 4.12 6.75
N ALA A 65 4.44 4.68 6.33
CA ALA A 65 3.48 3.93 5.51
C ALA A 65 4.06 3.62 4.14
N TYR A 66 4.83 4.55 3.56
CA TYR A 66 5.46 4.32 2.27
C TYR A 66 6.46 3.16 2.34
N LEU A 67 7.32 3.15 3.37
CA LEU A 67 8.31 2.09 3.47
C LEU A 67 7.68 0.73 3.84
N VAL A 68 6.61 0.73 4.64
CA VAL A 68 5.96 -0.53 4.98
C VAL A 68 5.26 -1.13 3.76
N ALA A 69 4.59 -0.29 2.95
CA ALA A 69 3.99 -0.80 1.71
C ALA A 69 5.03 -1.28 0.71
N LEU A 70 6.18 -0.59 0.66
CA LEU A 70 7.26 -1.01 -0.22
C LEU A 70 7.82 -2.37 0.20
N PHE A 71 8.03 -2.59 1.50
CA PHE A 71 8.52 -3.88 1.96
C PHE A 71 7.47 -4.98 1.82
N GLU A 72 6.18 -4.65 1.89
CA GLU A 72 5.15 -5.66 1.63
C GLU A 72 5.17 -6.14 0.18
N ASP A 73 5.21 -5.19 -0.77
CA ASP A 73 5.29 -5.59 -2.17
C ASP A 73 6.61 -6.27 -2.51
N THR A 74 7.68 -5.88 -1.83
CA THR A 74 8.98 -6.53 -2.02
C THR A 74 8.98 -7.96 -1.49
N ASN A 75 8.30 -8.19 -0.36
CA ASN A 75 8.16 -9.55 0.16
C ASN A 75 7.30 -10.40 -0.76
N LEU A 76 6.29 -9.80 -1.40
CA LEU A 76 5.50 -10.54 -2.38
C LEU A 76 6.34 -10.93 -3.60
N CYS A 77 7.23 -10.03 -4.04
CA CYS A 77 8.15 -10.36 -5.13
C CYS A 77 9.11 -11.49 -4.73
N ALA A 78 9.62 -11.45 -3.50
CA ALA A 78 10.54 -12.48 -3.04
C ALA A 78 9.86 -13.84 -2.87
N ILE A 79 8.58 -13.83 -2.47
CA ILE A 79 7.83 -15.09 -2.40
C ILE A 79 7.53 -15.62 -3.81
N HIS A 80 7.26 -14.73 -4.77
CA HIS A 80 7.04 -15.18 -6.15
C HIS A 80 8.33 -15.70 -6.77
N ALA A 81 9.49 -15.23 -6.31
CA ALA A 81 10.78 -15.70 -6.81
C ALA A 81 11.22 -17.03 -6.19
N LYS A 82 10.33 -17.71 -5.45
CA LYS A 82 10.58 -19.00 -4.79
C LYS A 82 11.75 -18.90 -3.80
N ARG A 83 11.75 -17.81 -3.04
CA ARG A 83 12.77 -17.58 -2.02
C ARG A 83 12.11 -17.02 -0.78
N VAL A 84 12.91 -16.89 0.27
CA VAL A 84 12.51 -16.20 1.50
C VAL A 84 13.29 -14.91 1.69
N THR A 85 14.58 -14.92 1.39
CA THR A 85 15.44 -13.75 1.55
C THR A 85 15.11 -12.71 0.48
N ILE A 86 15.00 -11.46 0.91
CA ILE A 86 14.74 -10.32 0.03
C ILE A 86 16.07 -9.79 -0.51
N MET A 87 16.14 -9.64 -1.82
CA MET A 87 17.24 -9.05 -2.55
C MET A 87 16.86 -7.65 -3.03
N PRO A 88 17.84 -6.77 -3.32
CA PRO A 88 17.48 -5.44 -3.84
C PRO A 88 16.91 -5.46 -5.26
N LYS A 89 17.08 -6.55 -6.00
CA LYS A 89 16.39 -6.69 -7.28
C LYS A 89 14.87 -6.81 -7.10
N ASP A 90 14.42 -7.32 -5.96
CA ASP A 90 12.99 -7.32 -5.66
C ASP A 90 12.48 -5.90 -5.41
N ILE A 91 13.29 -5.07 -4.76
CA ILE A 91 12.94 -3.67 -4.55
C ILE A 91 12.88 -2.93 -5.89
N GLN A 92 13.84 -3.20 -6.76
CA GLN A 92 13.84 -2.59 -8.10
C GLN A 92 12.65 -3.05 -8.93
N LEU A 93 12.28 -4.32 -8.83
CA LEU A 93 11.12 -4.84 -9.54
C LEU A 93 9.82 -4.23 -9.03
N ALA A 94 9.70 -4.07 -7.71
CA ALA A 94 8.50 -3.47 -7.13
C ALA A 94 8.37 -2.00 -7.51
N ARG A 95 9.48 -1.26 -7.47
CA ARG A 95 9.46 0.14 -7.89
C ARG A 95 9.23 0.30 -9.38
N ARG A 96 9.62 -0.67 -10.20
CA ARG A 96 9.39 -0.53 -11.64
C ARG A 96 7.98 -0.93 -12.03
N ILE A 97 7.40 -1.94 -11.37
CA ILE A 97 6.02 -2.33 -11.67
C ILE A 97 5.04 -1.28 -11.12
N ARG A 98 5.36 -0.71 -9.95
CA ARG A 98 4.48 0.30 -9.35
C ARG A 98 4.45 1.58 -10.20
N GLY A 99 5.56 1.93 -10.82
CA GLY A 99 5.59 3.07 -11.72
C GLY A 99 6.42 4.22 -11.20
N GLU A 100 7.30 3.93 -10.23
CA GLU A 100 8.13 4.96 -9.63
C GLU A 100 9.45 5.15 -10.37
N ARG A 101 9.93 4.15 -11.08
CA ARG A 101 11.18 4.25 -11.83
C ARG A 101 11.16 3.32 -13.04
N ASP B 1 26.69 13.30 7.83
CA ASP B 1 26.01 12.13 7.27
C ASP B 1 24.78 11.77 8.11
N ASN B 2 23.69 12.50 7.92
CA ASN B 2 22.46 12.21 8.63
C ASN B 2 21.64 11.12 7.96
N ILE B 3 22.05 10.65 6.78
CA ILE B 3 21.40 9.50 6.16
C ILE B 3 21.77 8.21 6.89
N GLN B 4 22.89 8.21 7.62
CA GLN B 4 23.24 7.08 8.47
C GLN B 4 22.46 7.06 9.78
N GLY B 5 21.67 8.10 10.07
CA GLY B 5 20.76 8.07 11.20
C GLY B 5 19.61 7.10 11.06
N ILE B 6 19.29 6.68 9.84
CA ILE B 6 18.35 5.60 9.61
C ILE B 6 19.11 4.31 9.87
N THR B 7 19.06 3.82 11.11
CA THR B 7 19.97 2.79 11.56
C THR B 7 19.57 1.42 11.01
N LYS B 8 20.46 0.44 11.24
CA LYS B 8 20.21 -0.92 10.79
C LYS B 8 19.08 -1.65 11.53
N PRO B 9 18.89 -1.55 12.85
CA PRO B 9 17.68 -2.14 13.45
C PRO B 9 16.41 -1.32 13.29
N ALA B 10 16.41 -0.25 12.48
CA ALA B 10 15.18 0.47 12.15
C ALA B 10 14.59 0.03 10.82
N ILE B 11 15.43 -0.18 9.80
CA ILE B 11 14.95 -0.75 8.54
C ILE B 11 14.52 -2.19 8.75
N ARG B 12 15.24 -2.92 9.62
CA ARG B 12 14.83 -4.26 10.01
C ARG B 12 13.50 -4.24 10.77
N ARG B 13 13.26 -3.21 11.58
CA ARG B 13 11.99 -3.09 12.29
C ARG B 13 10.85 -2.77 11.34
N LEU B 14 11.11 -1.94 10.33
CA LEU B 14 10.14 -1.68 9.27
C LEU B 14 9.81 -2.94 8.49
N ALA B 15 10.83 -3.79 8.25
CA ALA B 15 10.60 -5.03 7.54
C ALA B 15 9.84 -6.03 8.40
N ARG B 16 10.07 -6.03 9.71
CA ARG B 16 9.31 -6.90 10.60
C ARG B 16 7.85 -6.46 10.71
N ARG B 17 7.60 -5.14 10.62
CA ARG B 17 6.23 -4.69 10.48
C ARG B 17 5.64 -5.11 9.14
N GLY B 18 6.43 -5.05 8.07
CA GLY B 18 5.98 -5.46 6.76
C GLY B 18 5.81 -6.94 6.54
N GLY B 19 6.27 -7.78 7.47
CA GLY B 19 6.11 -9.21 7.33
C GLY B 19 7.27 -9.93 6.69
N VAL B 20 8.50 -9.49 6.95
CA VAL B 20 9.69 -10.04 6.30
C VAL B 20 10.37 -10.95 7.31
N LYS B 21 10.71 -12.18 6.87
CA LYS B 21 11.33 -13.14 7.75
C LYS B 21 12.86 -13.05 7.71
N ARG B 22 13.44 -12.86 6.53
CA ARG B 22 14.89 -12.91 6.39
C ARG B 22 15.33 -11.81 5.43
N ILE B 23 16.37 -11.07 5.82
CA ILE B 23 16.81 -9.86 5.15
C ILE B 23 18.26 -10.03 4.72
N SER B 24 18.58 -9.62 3.49
CA SER B 24 19.96 -9.65 3.02
C SER B 24 20.72 -8.42 3.54
N GLY B 25 21.95 -8.23 3.08
CA GLY B 25 22.79 -7.16 3.57
C GLY B 25 22.84 -5.94 2.68
N LEU B 26 22.40 -6.10 1.43
CA LEU B 26 22.37 -5.00 0.47
C LEU B 26 21.03 -4.28 0.43
N ILE B 27 20.20 -4.44 1.47
CA ILE B 27 18.88 -3.85 1.47
C ILE B 27 18.91 -2.43 2.05
N TYR B 28 19.84 -2.17 2.97
CA TYR B 28 19.80 -0.97 3.78
C TYR B 28 20.18 0.28 2.99
N GLU B 29 21.19 0.18 2.11
CA GLU B 29 21.57 1.33 1.29
C GLU B 29 20.50 1.65 0.27
N GLU B 30 19.84 0.62 -0.29
CA GLU B 30 18.75 0.84 -1.22
C GLU B 30 17.55 1.48 -0.52
N THR B 31 17.28 1.06 0.73
CA THR B 31 16.18 1.65 1.49
C THR B 31 16.48 3.11 1.83
N ARG B 32 17.74 3.42 2.19
CA ARG B 32 18.13 4.81 2.42
C ARG B 32 18.01 5.66 1.16
N GLY B 33 18.35 5.08 0.00
CA GLY B 33 18.19 5.82 -1.24
C GLY B 33 16.75 6.10 -1.61
N VAL B 34 15.88 5.10 -1.43
CA VAL B 34 14.45 5.28 -1.71
C VAL B 34 13.83 6.30 -0.76
N LEU B 35 14.20 6.24 0.52
CA LEU B 35 13.69 7.22 1.49
C LEU B 35 14.20 8.63 1.21
N LYS B 36 15.46 8.75 0.76
CA LYS B 36 16.00 10.06 0.41
C LYS B 36 15.31 10.65 -0.82
N VAL B 37 15.04 9.83 -1.83
CA VAL B 37 14.35 10.32 -3.04
C VAL B 37 12.92 10.75 -2.71
N PHE B 38 12.21 9.95 -1.90
CA PHE B 38 10.83 10.29 -1.53
C PHE B 38 10.77 11.56 -0.68
N LEU B 39 11.70 11.69 0.28
CA LEU B 39 11.70 12.88 1.12
C LEU B 39 12.12 14.13 0.36
N GLU B 40 13.03 14.01 -0.62
CA GLU B 40 13.36 15.16 -1.45
C GLU B 40 12.17 15.58 -2.31
N ASN B 41 11.44 14.61 -2.85
CA ASN B 41 10.27 14.92 -3.67
C ASN B 41 9.15 15.58 -2.86
N VAL B 42 9.03 15.27 -1.57
CA VAL B 42 8.01 15.93 -0.76
C VAL B 42 8.49 17.29 -0.23
N ILE B 43 9.76 17.38 0.19
CA ILE B 43 10.29 18.62 0.75
C ILE B 43 10.38 19.71 -0.32
N ARG B 44 10.61 19.33 -1.58
CA ARG B 44 10.65 20.31 -2.65
C ARG B 44 9.30 21.00 -2.85
N ASP B 45 8.22 20.23 -2.85
CA ASP B 45 6.88 20.81 -2.96
C ASP B 45 6.49 21.59 -1.71
N ALA B 46 6.91 21.12 -0.54
CA ALA B 46 6.60 21.84 0.70
C ALA B 46 7.29 23.20 0.75
N VAL B 47 8.56 23.26 0.35
CA VAL B 47 9.28 24.52 0.30
C VAL B 47 8.73 25.42 -0.82
N THR B 48 8.19 24.83 -1.90
CA THR B 48 7.55 25.63 -2.94
C THR B 48 6.27 26.30 -2.43
N TYR B 49 5.44 25.55 -1.72
CA TYR B 49 4.26 26.15 -1.08
C TYR B 49 4.64 27.19 -0.03
N THR B 50 5.72 26.96 0.71
CA THR B 50 6.16 27.92 1.71
C THR B 50 6.66 29.23 1.07
N GLU B 51 7.40 29.12 -0.05
CA GLU B 51 7.87 30.30 -0.74
C GLU B 51 6.72 31.04 -1.43
N HIS B 52 5.70 30.32 -1.89
CA HIS B 52 4.55 30.99 -2.48
C HIS B 52 3.69 31.66 -1.42
N ALA B 53 3.64 31.12 -0.22
CA ALA B 53 2.77 31.66 0.82
C ALA B 53 3.37 32.86 1.56
N LYS B 54 4.52 33.38 1.10
CA LYS B 54 5.24 34.52 1.65
C LYS B 54 5.62 34.33 3.12
N ARG B 55 5.84 33.09 3.55
CA ARG B 55 6.24 32.80 4.91
C ARG B 55 7.67 32.26 4.93
N LYS B 56 8.16 31.99 6.13
CA LYS B 56 9.46 31.36 6.31
C LYS B 56 9.38 30.07 7.11
N THR B 57 8.23 29.71 7.65
CA THR B 57 8.03 28.46 8.38
C THR B 57 7.26 27.48 7.50
N VAL B 58 7.64 26.21 7.57
CA VAL B 58 6.95 25.16 6.84
C VAL B 58 5.91 24.54 7.78
N THR B 59 4.64 24.82 7.52
CA THR B 59 3.57 24.32 8.35
C THR B 59 3.22 22.89 7.96
N ALA B 60 2.25 22.30 8.67
CA ALA B 60 1.79 20.96 8.35
C ALA B 60 0.85 20.93 7.16
N MET B 61 0.13 22.03 6.90
CA MET B 61 -0.79 22.06 5.77
C MET B 61 -0.06 22.05 4.44
N ASP B 62 1.15 22.62 4.39
CA ASP B 62 1.98 22.54 3.19
C ASP B 62 2.41 21.10 2.94
N VAL B 63 2.71 20.35 4.00
CA VAL B 63 3.08 18.95 3.86
C VAL B 63 1.89 18.12 3.41
N VAL B 64 0.69 18.43 3.95
CA VAL B 64 -0.53 17.72 3.54
C VAL B 64 -0.86 18.02 2.08
N TYR B 65 -0.65 19.26 1.64
CA TYR B 65 -0.92 19.61 0.24
C TYR B 65 0.11 18.98 -0.70
N ALA B 66 1.36 18.87 -0.27
CA ALA B 66 2.37 18.19 -1.06
C ALA B 66 2.08 16.70 -1.19
N LEU B 67 1.66 16.06 -0.10
CA LEU B 67 1.28 14.65 -0.15
C LEU B 67 -0.01 14.45 -0.94
N LYS B 68 -0.87 15.46 -0.99
CA LYS B 68 -2.05 15.40 -1.84
C LYS B 68 -1.68 15.47 -3.32
N ARG B 69 -0.67 16.28 -3.66
CA ARG B 69 -0.19 16.30 -5.04
C ARG B 69 0.57 15.02 -5.40
N GLN B 70 1.23 14.38 -4.44
CA GLN B 70 1.90 13.12 -4.72
C GLN B 70 0.92 11.95 -4.88
N GLY B 71 -0.35 12.13 -4.53
CA GLY B 71 -1.31 11.06 -4.61
C GLY B 71 -1.46 10.25 -3.34
N ARG B 72 -1.05 10.79 -2.19
CA ARG B 72 -1.08 10.08 -0.91
C ARG B 72 -1.79 10.97 0.10
N THR B 73 -3.11 10.86 0.16
CA THR B 73 -3.90 11.69 1.07
C THR B 73 -3.71 11.22 2.51
N LEU B 74 -3.38 12.17 3.39
CA LEU B 74 -3.05 11.88 4.78
C LEU B 74 -4.14 12.45 5.67
N TYR B 75 -4.72 11.60 6.52
CA TYR B 75 -5.74 12.01 7.47
C TYR B 75 -5.12 12.14 8.86
N GLY B 76 -5.50 13.20 9.57
CA GLY B 76 -5.07 13.35 10.95
C GLY B 76 -4.30 14.62 11.23
N PHE B 77 -4.17 15.48 10.22
CA PHE B 77 -3.41 16.71 10.37
C PHE B 77 -4.09 17.93 9.77
N GLY B 78 -5.31 17.79 9.24
CA GLY B 78 -6.00 18.91 8.64
C GLY B 78 -6.68 19.81 9.65
N LYS C 1 -4.39 52.91 -34.65
CA LYS C 1 -5.01 51.65 -35.05
C LYS C 1 -5.45 50.85 -33.84
N ALA C 2 -5.60 49.53 -34.03
CA ALA C 2 -6.02 48.63 -32.97
C ALA C 2 -5.14 47.39 -33.02
N LYS C 3 -4.14 47.35 -32.13
CA LYS C 3 -3.24 46.21 -32.05
C LYS C 3 -3.85 45.10 -31.22
N THR C 4 -3.14 43.97 -31.14
CA THR C 4 -3.53 42.83 -30.33
C THR C 4 -2.52 42.63 -29.21
N ARG C 5 -2.96 41.94 -28.16
CA ARG C 5 -2.06 41.69 -27.04
C ARG C 5 -1.04 40.60 -27.36
N SER C 6 -1.35 39.73 -28.33
CA SER C 6 -0.38 38.73 -28.77
C SER C 6 0.77 39.38 -29.53
N SER C 7 0.46 40.39 -30.35
CA SER C 7 1.52 41.12 -31.05
C SER C 7 2.25 42.07 -30.11
N ARG C 8 1.56 42.52 -29.05
CA ARG C 8 2.20 43.40 -28.08
C ARG C 8 3.16 42.65 -27.17
N ALA C 9 2.81 41.42 -26.79
CA ALA C 9 3.66 40.61 -25.93
C ALA C 9 4.69 39.79 -26.71
N GLY C 10 4.61 39.76 -28.03
CA GLY C 10 5.55 39.01 -28.82
C GLY C 10 5.34 37.52 -28.81
N LEU C 11 4.09 37.07 -28.79
CA LEU C 11 3.75 35.66 -28.74
C LEU C 11 2.95 35.26 -29.96
N GLN C 12 2.79 33.95 -30.14
CA GLN C 12 1.99 33.40 -31.23
C GLN C 12 0.67 32.82 -30.79
N PHE C 13 0.59 32.23 -29.61
CA PHE C 13 -0.69 31.80 -29.07
C PHE C 13 -1.52 33.01 -28.65
N PRO C 14 -2.85 32.95 -28.78
CA PRO C 14 -3.68 34.11 -28.48
C PRO C 14 -3.77 34.39 -26.98
N VAL C 15 -4.07 35.65 -26.68
CA VAL C 15 -4.21 36.10 -25.30
C VAL C 15 -5.66 36.33 -24.91
N GLY C 16 -6.48 36.86 -25.83
CA GLY C 16 -7.87 37.12 -25.51
C GLY C 16 -8.68 35.85 -25.34
N ARG C 17 -8.37 34.81 -26.12
CA ARG C 17 -9.07 33.53 -25.97
C ARG C 17 -8.71 32.86 -24.65
N VAL C 18 -7.44 32.91 -24.25
CA VAL C 18 -7.02 32.34 -22.97
C VAL C 18 -7.62 33.13 -21.82
N HIS C 19 -7.71 34.45 -21.96
CA HIS C 19 -8.32 35.29 -20.92
C HIS C 19 -9.82 35.03 -20.79
N ARG C 20 -10.48 34.79 -21.93
CA ARG C 20 -11.90 34.43 -21.90
C ARG C 20 -12.11 33.05 -21.27
N LEU C 21 -11.23 32.10 -21.57
CA LEU C 21 -11.35 30.78 -20.97
C LEU C 21 -11.03 30.79 -19.48
N LEU C 22 -10.18 31.72 -19.04
CA LEU C 22 -9.96 31.88 -17.60
C LEU C 22 -11.16 32.54 -16.93
N ARG C 23 -11.80 33.50 -17.60
CA ARG C 23 -12.98 34.13 -17.03
C ARG C 23 -14.20 33.23 -17.03
N LYS C 24 -14.30 32.27 -17.96
CA LYS C 24 -15.47 31.42 -18.08
C LYS C 24 -15.25 30.00 -17.57
N GLY C 25 -14.06 29.70 -17.05
CA GLY C 25 -13.77 28.37 -16.57
C GLY C 25 -14.11 28.10 -15.12
N ASN C 26 -14.65 29.10 -14.42
CA ASN C 26 -15.05 29.02 -13.00
C ASN C 26 -13.87 28.62 -12.10
N TYR C 27 -12.77 29.35 -12.23
CA TYR C 27 -11.59 29.12 -11.41
C TYR C 27 -11.47 30.10 -10.26
N ALA C 28 -11.74 31.39 -10.50
CA ALA C 28 -11.75 32.39 -9.45
C ALA C 28 -12.71 33.51 -9.85
N GLU C 29 -12.93 34.43 -8.92
CA GLU C 29 -13.81 35.55 -9.20
C GLU C 29 -13.12 36.61 -10.07
N ARG C 30 -11.86 36.93 -9.75
CA ARG C 30 -11.13 37.97 -10.43
C ARG C 30 -9.90 37.39 -11.12
N VAL C 31 -9.59 37.93 -12.30
CA VAL C 31 -8.50 37.45 -13.14
C VAL C 31 -7.57 38.63 -13.41
N GLY C 32 -6.28 38.44 -13.21
CA GLY C 32 -5.30 39.49 -13.44
C GLY C 32 -5.04 39.72 -14.93
N ALA C 33 -4.01 40.52 -15.18
CA ALA C 33 -3.68 40.93 -16.54
C ALA C 33 -2.50 40.20 -17.15
N GLY C 34 -1.49 39.83 -16.36
CA GLY C 34 -0.33 39.15 -16.86
C GLY C 34 -0.42 37.64 -16.90
N ALA C 35 -1.45 37.06 -16.26
CA ALA C 35 -1.64 35.62 -16.22
C ALA C 35 -1.96 34.97 -17.58
N PRO C 36 -2.84 35.50 -18.45
CA PRO C 36 -2.99 34.85 -19.77
C PRO C 36 -1.78 35.01 -20.66
N VAL C 37 -1.03 36.12 -20.54
CA VAL C 37 0.20 36.30 -21.29
C VAL C 37 1.24 35.28 -20.85
N TYR C 38 1.39 35.10 -19.53
CA TYR C 38 2.34 34.14 -18.98
C TYR C 38 1.97 32.71 -19.38
N LEU C 39 0.69 32.37 -19.30
CA LEU C 39 0.25 31.02 -19.64
C LEU C 39 0.33 30.75 -21.14
N ALA C 40 0.10 31.77 -21.98
CA ALA C 40 0.26 31.61 -23.42
C ALA C 40 1.72 31.43 -23.78
N ALA C 41 2.63 32.11 -23.07
CA ALA C 41 4.06 31.90 -23.29
C ALA C 41 4.49 30.49 -22.91
N VAL C 42 3.96 29.98 -21.79
CA VAL C 42 4.29 28.62 -21.35
C VAL C 42 3.76 27.58 -22.35
N LEU C 43 2.52 27.76 -22.82
CA LEU C 43 1.94 26.83 -23.79
C LEU C 43 2.66 26.88 -25.12
N GLU C 44 3.10 28.08 -25.55
CA GLU C 44 3.85 28.20 -26.79
C GLU C 44 5.21 27.54 -26.68
N TYR C 45 5.87 27.67 -25.52
CA TYR C 45 7.17 27.01 -25.33
C TYR C 45 7.02 25.49 -25.31
N LEU C 46 5.96 24.98 -24.70
CA LEU C 46 5.75 23.53 -24.69
C LEU C 46 5.40 23.00 -26.08
N THR C 47 4.62 23.76 -26.85
CA THR C 47 4.28 23.37 -28.22
C THR C 47 5.52 23.36 -29.11
N ALA C 48 6.38 24.38 -28.99
CA ALA C 48 7.61 24.42 -29.76
C ALA C 48 8.57 23.30 -29.34
N GLU C 49 8.62 22.99 -28.04
CA GLU C 49 9.51 21.94 -27.54
C GLU C 49 9.07 20.56 -28.03
N ILE C 50 7.76 20.30 -28.13
CA ILE C 50 7.36 19.00 -28.63
C ILE C 50 7.44 18.93 -30.16
N LEU C 51 7.17 20.05 -30.86
CA LEU C 51 7.24 20.01 -32.32
C LEU C 51 8.67 19.99 -32.85
N GLU C 52 9.65 20.47 -32.07
CA GLU C 52 11.05 20.32 -32.46
C GLU C 52 11.45 18.85 -32.53
N LEU C 53 11.12 18.07 -31.50
CA LEU C 53 11.44 16.65 -31.50
C LEU C 53 10.59 15.88 -32.51
N ALA C 54 9.35 16.31 -32.74
CA ALA C 54 8.52 15.68 -33.77
C ALA C 54 9.09 15.90 -35.16
N GLY C 55 9.56 17.12 -35.45
CA GLY C 55 10.17 17.39 -36.74
C GLY C 55 11.52 16.70 -36.90
N ASN C 56 12.27 16.55 -35.80
CA ASN C 56 13.52 15.81 -35.86
C ASN C 56 13.28 14.33 -36.14
N ALA C 57 12.23 13.75 -35.54
CA ALA C 57 11.90 12.35 -35.83
C ALA C 57 11.40 12.18 -37.26
N ALA C 58 10.61 13.15 -37.76
CA ALA C 58 10.13 13.09 -39.14
C ALA C 58 11.28 13.26 -40.13
N ARG C 59 12.31 14.03 -39.78
CA ARG C 59 13.47 14.13 -40.65
C ARG C 59 14.32 12.87 -40.59
N ASP C 60 14.46 12.27 -39.41
CA ASP C 60 15.26 11.07 -39.25
C ASP C 60 14.62 9.83 -39.86
N ASN C 61 13.29 9.79 -39.99
CA ASN C 61 12.63 8.67 -40.63
C ASN C 61 12.33 8.93 -42.10
N LYS C 62 12.97 9.95 -42.70
CA LYS C 62 12.90 10.27 -44.14
C LYS C 62 11.47 10.57 -44.60
N LYS C 63 10.72 11.30 -43.78
CA LYS C 63 9.36 11.71 -44.10
C LYS C 63 9.25 13.23 -44.06
N THR C 64 8.06 13.72 -44.39
CA THR C 64 7.76 15.15 -44.39
C THR C 64 6.70 15.52 -43.36
N ARG C 65 5.56 14.85 -43.38
CA ARG C 65 4.48 15.14 -42.44
C ARG C 65 4.73 14.44 -41.11
N ILE C 66 4.13 14.99 -40.05
CA ILE C 66 4.24 14.45 -38.71
C ILE C 66 3.00 13.62 -38.43
N ILE C 67 3.20 12.36 -38.06
CA ILE C 67 2.09 11.43 -37.81
C ILE C 67 2.12 11.07 -36.32
N PRO C 68 1.07 10.45 -35.76
CA PRO C 68 1.13 10.05 -34.34
C PRO C 68 2.23 9.05 -33.99
N ARG C 69 2.77 8.31 -34.95
CA ARG C 69 3.95 7.49 -34.67
C ARG C 69 5.15 8.36 -34.34
N HIS C 70 5.38 9.43 -35.13
CA HIS C 70 6.46 10.35 -34.81
C HIS C 70 6.19 11.13 -33.53
N LEU C 71 4.93 11.42 -33.23
CA LEU C 71 4.60 12.05 -31.95
C LEU C 71 4.91 11.12 -30.78
N GLN C 72 4.58 9.83 -30.92
CA GLN C 72 4.86 8.84 -29.89
C GLN C 72 6.35 8.67 -29.66
N LEU C 73 7.13 8.63 -30.75
CA LEU C 73 8.58 8.52 -30.64
C LEU C 73 9.19 9.77 -30.01
N ALA C 74 8.70 10.95 -30.39
CA ALA C 74 9.23 12.20 -29.86
C ALA C 74 8.90 12.38 -28.38
N VAL C 75 7.75 11.89 -27.94
CA VAL C 75 7.42 11.98 -26.52
C VAL C 75 8.21 10.95 -25.72
N ARG C 76 8.20 9.69 -26.16
CA ARG C 76 8.81 8.62 -25.37
C ARG C 76 10.33 8.60 -25.41
N ASN C 77 10.97 9.21 -26.40
CA ASN C 77 12.43 9.25 -26.41
C ASN C 77 13.00 10.32 -25.48
N ASP C 78 12.21 11.32 -25.11
CA ASP C 78 12.66 12.31 -24.15
C ASP C 78 12.32 11.85 -22.74
N GLU C 79 13.09 12.36 -21.77
CA GLU C 79 12.92 11.97 -20.38
C GLU C 79 11.83 12.78 -19.67
N GLU C 80 11.94 14.10 -19.72
CA GLU C 80 10.99 14.96 -19.02
C GLU C 80 9.62 15.00 -19.67
N LEU C 81 9.54 14.82 -20.99
CA LEU C 81 8.24 14.71 -21.65
C LEU C 81 7.56 13.39 -21.32
N ASN C 82 8.34 12.32 -21.13
CA ASN C 82 7.77 11.05 -20.69
C ASN C 82 7.35 11.12 -19.23
N LYS C 83 8.09 11.87 -18.41
CA LYS C 83 7.72 12.08 -17.03
C LYS C 83 6.46 12.93 -16.90
N LEU C 84 6.28 13.92 -17.78
CA LEU C 84 5.06 14.71 -17.79
C LEU C 84 3.87 13.91 -18.30
N LEU C 85 4.04 13.27 -19.46
CA LEU C 85 2.96 12.48 -20.07
C LEU C 85 3.11 11.01 -19.69
N GLY C 86 3.04 10.75 -18.39
CA GLY C 86 3.24 9.40 -17.88
C GLY C 86 1.99 8.56 -17.87
N ARG C 87 0.83 9.20 -17.76
CA ARG C 87 -0.45 8.50 -17.75
C ARG C 87 -1.29 8.94 -18.94
N VAL C 88 -0.69 9.00 -20.12
CA VAL C 88 -1.34 9.47 -21.33
C VAL C 88 -1.18 8.41 -22.42
N THR C 89 -2.30 7.98 -23.00
CA THR C 89 -2.30 7.07 -24.14
C THR C 89 -2.54 7.88 -25.41
N ILE C 90 -1.57 7.87 -26.31
CA ILE C 90 -1.68 8.55 -27.61
C ILE C 90 -2.16 7.53 -28.63
N ALA C 91 -3.27 7.84 -29.30
CA ALA C 91 -3.86 6.91 -30.25
C ALA C 91 -3.03 6.83 -31.53
N GLN C 92 -3.01 5.62 -32.10
CA GLN C 92 -2.26 5.27 -33.32
C GLN C 92 -0.77 5.58 -33.18
N GLY C 93 -0.24 5.36 -31.99
CA GLY C 93 1.16 5.63 -31.72
C GLY C 93 2.02 4.39 -31.59
N GLY C 94 1.48 3.35 -30.97
CA GLY C 94 2.22 2.12 -30.76
C GLY C 94 3.18 2.19 -29.59
N VAL C 95 4.19 1.33 -29.59
CA VAL C 95 5.16 1.24 -28.51
C VAL C 95 6.56 1.41 -29.07
N LEU C 96 7.54 1.48 -28.16
CA LEU C 96 8.94 1.59 -28.56
C LEU C 96 9.51 0.21 -28.86
N PRO C 97 10.42 0.10 -29.82
CA PRO C 97 11.11 -1.17 -30.05
C PRO C 97 12.06 -1.49 -28.89
N ASN C 98 11.79 -2.58 -28.20
CA ASN C 98 12.58 -2.95 -27.03
C ASN C 98 12.50 -4.46 -26.85
N ILE C 99 13.64 -5.13 -26.94
CA ILE C 99 13.75 -6.57 -26.70
C ILE C 99 14.71 -6.76 -25.54
N GLN C 100 14.28 -7.55 -24.55
CA GLN C 100 15.10 -7.80 -23.37
C GLN C 100 16.30 -8.66 -23.72
N SER C 101 17.38 -8.49 -22.93
CA SER C 101 18.67 -9.12 -23.23
C SER C 101 18.70 -10.61 -22.93
N VAL C 102 17.74 -11.13 -22.16
CA VAL C 102 17.71 -12.55 -21.83
C VAL C 102 16.87 -13.37 -22.80
N LEU C 103 16.28 -12.73 -23.81
CA LEU C 103 15.41 -13.41 -24.77
C LEU C 103 16.12 -13.72 -26.08
N LEU C 104 16.95 -12.81 -26.59
CA LEU C 104 17.63 -13.06 -27.84
C LEU C 104 18.92 -13.85 -27.59
N PRO C 105 19.28 -14.79 -28.49
CA PRO C 105 20.51 -15.57 -28.32
C PRO C 105 21.76 -14.76 -28.66
N LYS D 1 -23.17 25.84 -39.82
CA LYS D 1 -23.79 25.29 -38.61
C LYS D 1 -23.41 26.09 -37.38
N THR D 2 -22.45 25.57 -36.61
CA THR D 2 -21.98 26.20 -35.39
C THR D 2 -20.45 26.23 -35.43
N ARG D 3 -19.88 27.40 -35.11
CA ARG D 3 -18.43 27.56 -35.13
C ARG D 3 -17.76 26.74 -34.03
N LYS D 4 -16.73 26.00 -34.41
CA LYS D 4 -15.98 25.17 -33.47
C LYS D 4 -14.57 25.73 -33.34
N GLU D 5 -14.21 26.14 -32.14
CA GLU D 5 -12.93 26.78 -31.89
C GLU D 5 -11.86 25.75 -31.57
N SER D 6 -10.69 25.91 -32.19
CA SER D 6 -9.59 24.98 -32.01
C SER D 6 -8.27 25.74 -32.06
N TYR D 7 -7.21 25.08 -31.61
CA TYR D 7 -5.86 25.62 -31.64
C TYR D 7 -5.07 25.15 -32.86
N ALA D 8 -5.74 24.94 -33.99
CA ALA D 8 -5.07 24.34 -35.15
C ALA D 8 -4.14 25.33 -35.84
N ILE D 9 -4.62 26.55 -36.12
CA ILE D 9 -3.84 27.50 -36.89
C ILE D 9 -2.66 28.04 -36.08
N TYR D 10 -2.77 28.09 -34.75
CA TYR D 10 -1.68 28.60 -33.93
C TYR D 10 -0.55 27.58 -33.81
N VAL D 11 -0.89 26.30 -33.63
CA VAL D 11 0.11 25.24 -33.65
C VAL D 11 0.74 25.12 -35.04
N TYR D 12 -0.06 25.39 -36.09
CA TYR D 12 0.48 25.43 -37.44
C TYR D 12 1.49 26.57 -37.64
N LYS D 13 1.22 27.74 -37.06
CA LYS D 13 2.17 28.85 -37.13
C LYS D 13 3.45 28.55 -36.34
N VAL D 14 3.31 27.93 -35.16
CA VAL D 14 4.47 27.54 -34.37
C VAL D 14 5.31 26.50 -35.11
N LEU D 15 4.64 25.56 -35.81
CA LEU D 15 5.34 24.55 -36.58
C LEU D 15 6.06 25.14 -37.77
N LYS D 16 5.43 26.09 -38.48
CA LYS D 16 6.11 26.75 -39.59
C LYS D 16 7.20 27.70 -39.15
N GLN D 17 7.20 28.15 -37.89
CA GLN D 17 8.34 28.93 -37.40
C GLN D 17 9.48 28.02 -36.94
N VAL D 18 9.18 26.89 -36.33
CA VAL D 18 10.23 26.03 -35.78
C VAL D 18 10.83 25.13 -36.86
N HIS D 19 10.10 24.87 -37.94
CA HIS D 19 10.60 24.09 -39.07
C HIS D 19 10.13 24.77 -40.36
N PRO D 20 11.03 25.12 -41.27
CA PRO D 20 10.60 25.79 -42.50
C PRO D 20 9.81 24.90 -43.45
N ASP D 21 10.20 23.64 -43.62
CA ASP D 21 9.54 22.73 -44.55
C ASP D 21 9.17 21.45 -43.80
N THR D 22 8.00 21.47 -43.16
CA THR D 22 7.47 20.31 -42.45
C THR D 22 5.95 20.41 -42.37
N GLY D 23 5.25 19.38 -42.86
CA GLY D 23 3.80 19.32 -42.81
C GLY D 23 3.30 18.57 -41.59
N ILE D 24 1.97 18.49 -41.50
CA ILE D 24 1.30 17.81 -40.39
C ILE D 24 -0.07 17.36 -40.88
N SER D 25 -0.54 16.22 -40.36
CA SER D 25 -1.83 15.68 -40.75
C SER D 25 -2.92 16.20 -39.80
N SER D 26 -4.12 15.63 -39.90
CA SER D 26 -5.23 16.09 -39.08
C SER D 26 -5.27 15.38 -37.73
N LYS D 27 -4.87 14.11 -37.69
CA LYS D 27 -4.87 13.36 -36.44
C LYS D 27 -3.80 13.88 -35.48
N ALA D 28 -2.62 14.21 -36.01
CA ALA D 28 -1.58 14.82 -35.19
C ALA D 28 -1.98 16.20 -34.70
N MET D 29 -2.72 16.96 -35.51
CA MET D 29 -3.22 18.25 -35.06
C MET D 29 -4.27 18.11 -33.98
N SER D 30 -5.11 17.07 -34.06
CA SER D 30 -6.08 16.80 -32.99
C SER D 30 -5.38 16.40 -31.69
N ILE D 31 -4.30 15.61 -31.80
CA ILE D 31 -3.51 15.23 -30.63
C ILE D 31 -2.84 16.45 -30.01
N MET D 32 -2.34 17.37 -30.85
CA MET D 32 -1.74 18.60 -30.34
C MET D 32 -2.77 19.50 -29.67
N ASN D 33 -3.98 19.58 -30.23
CA ASN D 33 -5.05 20.36 -29.62
C ASN D 33 -5.47 19.79 -28.27
N SER D 34 -5.55 18.45 -28.17
CA SER D 34 -5.89 17.82 -26.91
C SER D 34 -4.79 17.99 -25.88
N PHE D 35 -3.53 17.99 -26.32
CA PHE D 35 -2.41 18.23 -25.42
C PHE D 35 -2.42 19.65 -24.86
N VAL D 36 -2.69 20.65 -25.72
CA VAL D 36 -2.77 22.04 -25.28
C VAL D 36 -3.93 22.24 -24.31
N ASN D 37 -5.08 21.61 -24.59
CA ASN D 37 -6.23 21.71 -23.69
C ASN D 37 -5.95 21.03 -22.35
N ASP D 38 -5.23 19.91 -22.36
CA ASP D 38 -4.93 19.19 -21.12
C ASP D 38 -3.98 19.99 -20.24
N VAL D 39 -2.90 20.53 -20.83
CA VAL D 39 -1.94 21.31 -20.06
C VAL D 39 -2.57 22.62 -19.55
N PHE D 40 -3.46 23.22 -20.37
CA PHE D 40 -4.22 24.40 -19.94
C PHE D 40 -5.09 24.11 -18.72
N GLU D 41 -5.84 23.00 -18.77
CA GLU D 41 -6.70 22.65 -17.64
C GLU D 41 -5.91 22.29 -16.39
N ARG D 42 -4.75 21.62 -16.55
CA ARG D 42 -3.90 21.28 -15.41
C ARG D 42 -3.35 22.52 -14.71
N ILE D 43 -2.78 23.45 -15.49
CA ILE D 43 -2.19 24.65 -14.89
C ILE D 43 -3.27 25.55 -14.30
N ALA D 44 -4.44 25.63 -14.96
CA ALA D 44 -5.53 26.45 -14.44
C ALA D 44 -6.11 25.88 -13.15
N GLY D 45 -6.23 24.55 -13.05
CA GLY D 45 -6.72 23.95 -11.82
C GLY D 45 -5.74 24.08 -10.67
N GLU D 46 -4.44 23.93 -10.97
CA GLU D 46 -3.43 24.12 -9.92
C GLU D 46 -3.37 25.56 -9.45
N ALA D 47 -3.52 26.53 -10.37
CA ALA D 47 -3.54 27.93 -9.98
C ALA D 47 -4.80 28.28 -9.19
N SER D 48 -5.93 27.63 -9.51
CA SER D 48 -7.14 27.84 -8.74
C SER D 48 -7.01 27.29 -7.33
N ARG D 49 -6.35 26.13 -7.18
CA ARG D 49 -6.09 25.59 -5.84
C ARG D 49 -5.13 26.49 -5.05
N LEU D 50 -4.12 27.04 -5.73
CA LEU D 50 -3.19 27.96 -5.06
C LEU D 50 -3.88 29.25 -4.63
N ALA D 51 -4.81 29.74 -5.45
CA ALA D 51 -5.54 30.95 -5.07
C ALA D 51 -6.56 30.67 -3.97
N HIS D 52 -7.09 29.45 -3.90
CA HIS D 52 -8.04 29.12 -2.85
C HIS D 52 -7.35 28.83 -1.52
N TYR D 53 -6.12 28.32 -1.55
CA TYR D 53 -5.42 27.98 -0.30
C TYR D 53 -4.99 29.21 0.47
N ASN D 54 -4.67 30.30 -0.21
CA ASN D 54 -4.17 31.52 0.43
C ASN D 54 -5.26 32.57 0.66
N LYS D 55 -6.53 32.18 0.50
CA LYS D 55 -7.71 33.04 0.73
C LYS D 55 -7.69 34.29 -0.16
N ARG D 56 -7.32 34.08 -1.42
CA ARG D 56 -7.27 35.17 -2.40
C ARG D 56 -8.48 35.08 -3.32
N SER D 57 -8.56 36.04 -4.24
CA SER D 57 -9.65 36.06 -5.22
C SER D 57 -9.11 36.26 -6.63
N THR D 58 -7.93 36.87 -6.73
CA THR D 58 -7.35 37.20 -8.02
C THR D 58 -6.24 36.22 -8.37
N ILE D 59 -6.34 35.61 -9.56
CA ILE D 59 -5.26 34.79 -10.08
C ILE D 59 -4.31 35.72 -10.83
N THR D 60 -3.18 36.04 -10.22
CA THR D 60 -2.17 36.87 -10.85
C THR D 60 -1.18 35.97 -11.60
N SER D 61 -0.06 36.54 -12.05
CA SER D 61 0.98 35.75 -12.68
C SER D 61 1.80 34.96 -11.68
N ARG D 62 1.74 35.31 -10.39
CA ARG D 62 2.50 34.58 -9.38
C ARG D 62 1.91 33.19 -9.14
N GLU D 63 0.59 33.08 -9.16
CA GLU D 63 -0.04 31.77 -9.02
C GLU D 63 0.22 30.89 -10.25
N ILE D 64 0.25 31.49 -11.44
CA ILE D 64 0.56 30.73 -12.64
C ILE D 64 2.02 30.28 -12.63
N GLN D 65 2.91 31.14 -12.14
CA GLN D 65 4.32 30.79 -12.03
C GLN D 65 4.55 29.66 -11.03
N THR D 66 3.84 29.71 -9.90
CA THR D 66 3.97 28.66 -8.89
C THR D 66 3.35 27.35 -9.39
N ALA D 67 2.27 27.44 -10.18
CA ALA D 67 1.68 26.24 -10.77
C ALA D 67 2.60 25.60 -11.79
N VAL D 68 3.29 26.42 -12.60
CA VAL D 68 4.27 25.89 -13.54
C VAL D 68 5.45 25.26 -12.80
N ARG D 69 5.89 25.90 -11.71
CA ARG D 69 7.00 25.37 -10.92
C ARG D 69 6.63 24.06 -10.22
N LEU D 70 5.37 23.91 -9.81
CA LEU D 70 4.93 22.65 -9.20
C LEU D 70 4.69 21.56 -10.24
N LEU D 71 4.20 21.91 -11.42
CA LEU D 71 3.71 20.92 -12.36
C LEU D 71 4.76 20.45 -13.35
N LEU D 72 5.66 21.36 -13.81
CA LEU D 72 6.61 20.86 -14.79
C LEU D 72 7.88 20.34 -14.10
N PRO D 73 8.40 19.19 -14.54
CA PRO D 73 9.56 18.60 -13.86
C PRO D 73 10.91 19.10 -14.35
N GLY D 74 11.76 19.50 -13.41
CA GLY D 74 13.18 19.72 -13.66
C GLY D 74 13.55 20.90 -14.53
N GLU D 75 14.27 20.62 -15.62
CA GLU D 75 14.84 21.66 -16.47
C GLU D 75 13.79 22.38 -17.29
N LEU D 76 12.69 21.70 -17.64
CA LEU D 76 11.64 22.29 -18.46
C LEU D 76 10.91 23.41 -17.73
N ALA D 77 10.75 23.30 -16.40
CA ALA D 77 10.08 24.32 -15.62
C ALA D 77 10.88 25.61 -15.58
N LYS D 78 12.22 25.51 -15.54
CA LYS D 78 13.07 26.69 -15.49
C LYS D 78 12.98 27.49 -16.78
N HIS D 79 13.02 26.80 -17.92
CA HIS D 79 12.90 27.48 -19.20
C HIS D 79 11.49 28.02 -19.42
N ALA D 80 10.46 27.32 -18.92
CA ALA D 80 9.10 27.85 -19.03
C ALA D 80 8.92 29.12 -18.19
N VAL D 81 9.47 29.14 -16.98
CA VAL D 81 9.42 30.34 -16.14
C VAL D 81 10.22 31.47 -16.76
N SER D 82 11.36 31.17 -17.38
CA SER D 82 12.17 32.20 -18.02
C SER D 82 11.47 32.82 -19.23
N GLU D 83 10.86 31.98 -20.07
CA GLU D 83 10.14 32.49 -21.24
C GLU D 83 8.90 33.26 -20.85
N GLY D 84 8.18 32.79 -19.81
CA GLY D 84 7.02 33.53 -19.35
C GLY D 84 7.37 34.86 -18.71
N THR D 85 8.50 34.90 -17.96
CA THR D 85 8.95 36.15 -17.37
C THR D 85 9.40 37.14 -18.43
N LYS D 86 10.05 36.65 -19.49
CA LYS D 86 10.43 37.50 -20.61
C LYS D 86 9.20 38.04 -21.33
N ALA D 87 8.15 37.22 -21.47
CA ALA D 87 6.94 37.68 -22.13
C ALA D 87 6.19 38.72 -21.30
N VAL D 88 6.14 38.53 -19.97
CA VAL D 88 5.50 39.50 -19.10
C VAL D 88 6.28 40.81 -19.06
N THR D 89 7.62 40.71 -19.09
CA THR D 89 8.46 41.91 -19.12
C THR D 89 8.29 42.67 -20.43
N LYS D 90 8.13 41.95 -21.55
CA LYS D 90 7.91 42.61 -22.84
C LYS D 90 6.51 43.22 -22.90
N TYR D 91 5.52 42.57 -22.29
CA TYR D 91 4.15 43.08 -22.31
C TYR D 91 3.99 44.29 -21.39
N THR D 92 4.81 44.37 -20.34
CA THR D 92 4.69 45.48 -19.40
C THR D 92 5.19 46.79 -20.01
N SER D 93 6.40 46.78 -20.55
CA SER D 93 6.97 47.97 -21.17
C SER D 93 6.49 48.12 -22.62
N PRO E 5 12.31 -30.15 -46.41
CA PRO E 5 12.71 -30.38 -45.01
C PRO E 5 13.51 -29.22 -44.44
N HIS E 6 13.03 -28.00 -44.65
CA HIS E 6 13.67 -26.79 -44.14
C HIS E 6 12.81 -26.22 -43.03
N ARG E 7 13.34 -26.21 -41.81
CA ARG E 7 12.65 -25.70 -40.64
C ARG E 7 13.57 -24.79 -39.86
N TYR E 8 12.98 -23.82 -39.16
CA TYR E 8 13.72 -22.91 -38.31
C TYR E 8 13.75 -23.42 -36.87
N ARG E 9 14.77 -22.97 -36.14
CA ARG E 9 14.81 -23.21 -34.71
C ARG E 9 13.72 -22.38 -34.03
N PRO E 10 12.97 -22.96 -33.07
CA PRO E 10 11.89 -22.21 -32.40
C PRO E 10 12.43 -21.07 -31.56
N GLY E 11 11.98 -19.85 -31.86
CA GLY E 11 12.47 -18.65 -31.23
C GLY E 11 12.80 -17.58 -32.24
N THR E 12 13.29 -18.00 -33.41
CA THR E 12 13.66 -17.06 -34.46
C THR E 12 12.43 -16.39 -35.07
N VAL E 13 11.41 -17.18 -35.39
CA VAL E 13 10.14 -16.65 -35.89
C VAL E 13 9.45 -15.82 -34.82
N ALA E 14 9.64 -16.18 -33.54
CA ALA E 14 9.07 -15.41 -32.44
C ALA E 14 9.71 -14.03 -32.33
N LEU E 15 11.05 -13.97 -32.41
CA LEU E 15 11.74 -12.68 -32.40
C LEU E 15 11.44 -11.86 -33.64
N ARG E 16 11.24 -12.53 -34.78
CA ARG E 16 10.83 -11.83 -36.00
C ARG E 16 9.45 -11.20 -35.85
N GLU E 17 8.52 -11.91 -35.21
CA GLU E 17 7.20 -11.35 -34.94
C GLU E 17 7.25 -10.24 -33.90
N ILE E 18 8.16 -10.34 -32.92
CA ILE E 18 8.35 -9.26 -31.95
C ILE E 18 8.82 -7.99 -32.65
N ARG E 19 9.80 -8.12 -33.55
CA ARG E 19 10.29 -6.97 -34.30
C ARG E 19 9.22 -6.41 -35.24
N ARG E 20 8.43 -7.29 -35.87
CA ARG E 20 7.41 -6.85 -36.82
C ARG E 20 6.28 -6.10 -36.11
N TYR E 21 5.79 -6.63 -34.98
CA TYR E 21 4.68 -5.99 -34.29
C TYR E 21 5.12 -4.89 -33.33
N GLN E 22 6.44 -4.73 -33.11
CA GLN E 22 6.90 -3.48 -32.49
C GLN E 22 7.24 -2.42 -33.53
N LYS E 23 7.44 -2.80 -34.79
CA LYS E 23 7.61 -1.80 -35.84
C LYS E 23 6.27 -1.28 -36.34
N SER E 24 5.31 -2.17 -36.60
CA SER E 24 4.04 -1.76 -37.15
C SER E 24 3.11 -1.25 -36.05
N THR E 25 2.29 -0.25 -36.41
CA THR E 25 1.30 0.34 -35.51
C THR E 25 -0.06 0.27 -36.22
N GLU E 26 -0.88 -0.69 -35.82
CA GLU E 26 -2.20 -0.87 -36.41
C GLU E 26 -3.10 -1.55 -35.39
N LEU E 27 -4.33 -1.86 -35.81
CA LEU E 27 -5.25 -2.59 -34.97
C LEU E 27 -4.93 -4.08 -35.00
N LEU E 28 -5.08 -4.73 -33.85
CA LEU E 28 -4.78 -6.15 -33.70
C LEU E 28 -6.00 -6.99 -33.36
N ILE E 29 -6.89 -6.50 -32.51
CA ILE E 29 -8.18 -7.14 -32.28
C ILE E 29 -9.12 -6.73 -33.40
N ARG E 30 -9.87 -7.70 -33.93
CA ARG E 30 -10.77 -7.42 -35.04
C ARG E 30 -11.96 -6.59 -34.59
N LYS E 31 -12.53 -5.82 -35.52
CA LYS E 31 -13.45 -4.76 -35.16
C LYS E 31 -14.84 -5.29 -34.84
N LEU E 32 -15.38 -6.20 -35.65
CA LEU E 32 -16.72 -6.74 -35.41
C LEU E 32 -16.85 -7.66 -34.19
N PRO E 33 -15.92 -8.59 -33.88
CA PRO E 33 -16.06 -9.31 -32.60
C PRO E 33 -15.90 -8.42 -31.38
N PHE E 34 -15.01 -7.42 -31.42
CA PHE E 34 -14.88 -6.49 -30.32
C PHE E 34 -16.14 -5.64 -30.17
N GLN E 35 -16.75 -5.24 -31.28
CA GLN E 35 -17.98 -4.44 -31.23
C GLN E 35 -19.13 -5.27 -30.69
N ARG E 36 -19.23 -6.55 -31.08
CA ARG E 36 -20.26 -7.41 -30.52
C ARG E 36 -20.04 -7.68 -29.04
N LEU E 37 -18.78 -7.79 -28.59
CA LEU E 37 -18.50 -7.93 -27.17
C LEU E 37 -18.89 -6.69 -26.38
N VAL E 38 -18.58 -5.51 -26.93
CA VAL E 38 -18.94 -4.24 -26.28
C VAL E 38 -20.45 -4.09 -26.18
N ARG E 39 -21.18 -4.43 -27.26
CA ARG E 39 -22.64 -4.34 -27.23
C ARG E 39 -23.26 -5.37 -26.30
N GLU E 40 -22.67 -6.57 -26.21
CA GLU E 40 -23.20 -7.61 -25.33
C GLU E 40 -23.03 -7.24 -23.86
N ILE E 41 -21.88 -6.67 -23.50
CA ILE E 41 -21.69 -6.33 -22.08
C ILE E 41 -22.20 -4.93 -21.81
N ALA E 42 -22.70 -4.24 -22.85
CA ALA E 42 -23.44 -3.01 -22.67
C ALA E 42 -24.94 -3.22 -22.59
N GLN E 43 -25.45 -4.39 -22.99
CA GLN E 43 -26.85 -4.71 -22.77
C GLN E 43 -27.20 -4.90 -21.29
N ASP E 44 -26.22 -5.15 -20.43
CA ASP E 44 -26.46 -5.40 -19.01
C ASP E 44 -26.63 -4.12 -18.20
N PHE E 45 -26.43 -2.95 -18.80
CA PHE E 45 -26.55 -1.69 -18.09
C PHE E 45 -27.73 -0.83 -18.54
N LYS E 46 -28.05 -0.82 -19.83
CA LYS E 46 -29.19 -0.06 -20.33
C LYS E 46 -29.65 -0.70 -21.64
N THR E 47 -30.94 -0.95 -21.76
CA THR E 47 -31.49 -1.56 -22.96
C THR E 47 -31.71 -0.53 -24.05
N ASP E 48 -31.57 -0.99 -25.29
CA ASP E 48 -31.77 -0.22 -26.52
C ASP E 48 -30.86 1.01 -26.56
N LEU E 49 -29.55 0.74 -26.58
CA LEU E 49 -28.55 1.79 -26.67
C LEU E 49 -28.23 2.08 -28.13
N ARG E 50 -27.23 2.93 -28.35
CA ARG E 50 -26.80 3.33 -29.69
C ARG E 50 -25.36 3.80 -29.60
N PHE E 51 -24.49 3.26 -30.45
CA PHE E 51 -23.07 3.55 -30.40
C PHE E 51 -22.63 4.30 -31.66
N GLN E 52 -21.61 5.14 -31.49
CA GLN E 52 -21.01 5.81 -32.63
C GLN E 52 -19.90 4.94 -33.22
N SER E 53 -19.30 5.43 -34.30
CA SER E 53 -18.22 4.69 -34.94
C SER E 53 -16.88 4.93 -34.26
N SER E 54 -16.70 6.10 -33.65
CA SER E 54 -15.43 6.47 -33.02
C SER E 54 -15.33 5.99 -31.58
N ALA E 55 -16.45 5.74 -30.90
CA ALA E 55 -16.41 5.27 -29.53
C ALA E 55 -15.86 3.86 -29.44
N VAL E 56 -16.22 3.00 -30.39
CA VAL E 56 -15.68 1.65 -30.46
C VAL E 56 -14.19 1.69 -30.75
N MET E 57 -13.75 2.62 -31.60
CA MET E 57 -12.32 2.78 -31.88
C MET E 57 -11.55 3.24 -30.65
N ALA E 58 -12.15 4.16 -29.88
CA ALA E 58 -11.50 4.64 -28.65
C ALA E 58 -11.39 3.53 -27.61
N LEU E 59 -12.46 2.72 -27.47
CA LEU E 59 -12.44 1.58 -26.58
C LEU E 59 -11.40 0.54 -27.01
N GLN E 60 -11.27 0.32 -28.32
CA GLN E 60 -10.30 -0.66 -28.82
C GLN E 60 -8.86 -0.18 -28.63
N GLU E 61 -8.61 1.12 -28.83
CA GLU E 61 -7.27 1.66 -28.59
C GLU E 61 -6.90 1.60 -27.11
N ALA E 62 -7.86 1.93 -26.23
CA ALA E 62 -7.60 1.87 -24.79
C ALA E 62 -7.37 0.43 -24.34
N SER E 63 -8.14 -0.53 -24.87
CA SER E 63 -7.97 -1.93 -24.50
C SER E 63 -6.64 -2.48 -25.00
N GLU E 64 -6.23 -2.11 -26.21
CA GLU E 64 -4.96 -2.56 -26.76
C GLU E 64 -3.78 -2.00 -25.96
N ALA E 65 -3.85 -0.71 -25.60
CA ALA E 65 -2.77 -0.11 -24.81
C ALA E 65 -2.70 -0.71 -23.41
N TYR E 66 -3.86 -1.00 -22.81
CA TYR E 66 -3.89 -1.62 -21.48
C TYR E 66 -3.33 -3.03 -21.51
N LEU E 67 -3.65 -3.81 -22.55
CA LEU E 67 -3.15 -5.18 -22.62
C LEU E 67 -1.65 -5.23 -22.93
N VAL E 68 -1.15 -4.32 -23.76
CA VAL E 68 0.29 -4.28 -24.03
C VAL E 68 1.07 -3.84 -22.78
N ALA E 69 0.56 -2.82 -22.07
CA ALA E 69 1.17 -2.39 -20.82
C ALA E 69 1.07 -3.45 -19.72
N LEU E 70 0.08 -4.34 -19.78
CA LEU E 70 0.04 -5.46 -18.84
C LEU E 70 1.04 -6.55 -19.19
N PHE E 71 1.12 -6.93 -20.48
CA PHE E 71 2.03 -7.99 -20.88
C PHE E 71 3.50 -7.61 -20.77
N GLU E 72 3.83 -6.30 -20.82
CA GLU E 72 5.22 -5.91 -20.59
C GLU E 72 5.67 -6.21 -19.16
N ASP E 73 4.87 -5.78 -18.17
CA ASP E 73 5.20 -6.07 -16.77
C ASP E 73 5.08 -7.57 -16.47
N THR E 74 4.19 -8.27 -17.17
CA THR E 74 4.08 -9.72 -16.99
C THR E 74 5.34 -10.43 -17.50
N ASN E 75 5.87 -9.99 -18.65
CA ASN E 75 7.13 -10.54 -19.15
C ASN E 75 8.30 -10.20 -18.23
N LEU E 76 8.27 -9.02 -17.60
CA LEU E 76 9.32 -8.70 -16.62
C LEU E 76 9.23 -9.57 -15.38
N CYS E 77 8.01 -9.91 -14.95
CA CYS E 77 7.85 -10.87 -13.85
C CYS E 77 8.35 -12.25 -14.23
N ALA E 78 8.09 -12.68 -15.47
CA ALA E 78 8.55 -13.99 -15.92
C ALA E 78 10.08 -14.04 -16.03
N ILE E 79 10.69 -12.92 -16.42
CA ILE E 79 12.15 -12.84 -16.44
C ILE E 79 12.72 -12.85 -15.02
N HIS E 80 12.05 -12.18 -14.08
CA HIS E 80 12.52 -12.16 -12.70
C HIS E 80 12.37 -13.52 -12.03
N ALA E 81 11.41 -14.32 -12.50
CA ALA E 81 11.25 -15.69 -11.99
C ALA E 81 12.18 -16.69 -12.66
N LYS E 82 13.18 -16.22 -13.41
CA LYS E 82 14.19 -17.03 -14.10
C LYS E 82 13.56 -18.02 -15.09
N ARG E 83 12.55 -17.53 -15.82
CA ARG E 83 11.84 -18.32 -16.82
C ARG E 83 11.70 -17.50 -18.09
N VAL E 84 11.24 -18.15 -19.15
CA VAL E 84 10.95 -17.49 -20.42
C VAL E 84 9.44 -17.61 -20.66
N THR E 85 8.87 -18.70 -20.18
CA THR E 85 7.45 -18.96 -20.35
C THR E 85 6.64 -18.14 -19.35
N ILE E 86 5.62 -17.45 -19.85
CA ILE E 86 4.72 -16.65 -19.02
C ILE E 86 3.59 -17.55 -18.53
N MET E 87 3.38 -17.56 -17.22
CA MET E 87 2.32 -18.26 -16.51
C MET E 87 1.36 -17.23 -15.92
N PRO E 88 0.09 -17.59 -15.68
CA PRO E 88 -0.88 -16.59 -15.20
C PRO E 88 -0.62 -16.09 -13.78
N LYS E 89 0.24 -16.75 -13.00
CA LYS E 89 0.65 -16.18 -11.72
C LYS E 89 1.48 -14.91 -11.90
N ASP E 90 2.18 -14.78 -13.03
CA ASP E 90 2.85 -13.51 -13.35
C ASP E 90 1.83 -12.41 -13.64
N ILE E 91 0.72 -12.76 -14.29
CA ILE E 91 -0.35 -11.80 -14.53
C ILE E 91 -0.99 -11.35 -13.22
N GLN E 92 -1.21 -12.31 -12.31
CA GLN E 92 -1.79 -12.00 -11.01
C GLN E 92 -0.85 -11.13 -10.18
N LEU E 93 0.45 -11.41 -10.24
CA LEU E 93 1.43 -10.60 -9.51
C LEU E 93 1.52 -9.19 -10.09
N ALA E 94 1.50 -9.06 -11.42
CA ALA E 94 1.60 -7.75 -12.05
C ALA E 94 0.35 -6.91 -11.80
N ARG E 95 -0.81 -7.57 -11.69
CA ARG E 95 -2.02 -6.83 -11.33
C ARG E 95 -2.15 -6.57 -9.84
N ARG E 96 -1.46 -7.34 -9.00
CA ARG E 96 -1.59 -7.13 -7.56
C ARG E 96 -0.59 -6.10 -7.03
N ILE E 97 0.60 -6.02 -7.62
CA ILE E 97 1.55 -4.98 -7.23
C ILE E 97 1.06 -3.62 -7.70
N ARG E 98 0.46 -3.56 -8.88
CA ARG E 98 0.03 -2.30 -9.46
C ARG E 98 -1.13 -1.68 -8.67
N GLY E 99 -2.00 -2.53 -8.13
CA GLY E 99 -3.07 -2.03 -7.28
C GLY E 99 -4.46 -2.24 -7.85
N GLU E 100 -4.64 -3.29 -8.64
CA GLU E 100 -5.92 -3.58 -9.26
C GLU E 100 -6.68 -4.66 -8.50
N ARG E 101 -6.06 -5.82 -8.31
CA ARG E 101 -6.70 -6.92 -7.59
C ARG E 101 -5.65 -7.82 -6.94
N ASP F 1 -22.24 -15.11 -26.52
CA ASP F 1 -20.91 -15.56 -26.17
C ASP F 1 -19.89 -14.95 -27.14
N ASN F 2 -19.67 -13.64 -27.02
CA ASN F 2 -18.71 -12.94 -27.86
C ASN F 2 -17.36 -12.75 -27.19
N ILE F 3 -17.17 -13.26 -25.98
CA ILE F 3 -15.86 -13.21 -25.35
C ILE F 3 -14.91 -14.21 -25.99
N GLN F 4 -15.44 -15.25 -26.64
CA GLN F 4 -14.63 -16.17 -27.42
C GLN F 4 -14.22 -15.61 -28.77
N GLY F 5 -14.74 -14.44 -29.16
CA GLY F 5 -14.29 -13.75 -30.35
C GLY F 5 -12.90 -13.16 -30.25
N ILE F 6 -12.39 -13.00 -29.03
CA ILE F 6 -11.00 -12.62 -28.83
C ILE F 6 -10.17 -13.89 -29.02
N THR F 7 -9.70 -14.10 -30.25
CA THR F 7 -9.16 -15.39 -30.64
C THR F 7 -7.76 -15.61 -30.05
N LYS F 8 -7.30 -16.85 -30.19
CA LYS F 8 -5.94 -17.20 -29.76
C LYS F 8 -4.83 -16.50 -30.57
N PRO F 9 -4.89 -16.33 -31.90
CA PRO F 9 -3.81 -15.57 -32.56
C PRO F 9 -3.83 -14.07 -32.31
N ALA F 10 -4.84 -13.52 -31.65
CA ALA F 10 -4.88 -12.08 -31.35
C ALA F 10 -4.15 -11.73 -30.06
N ILE F 11 -4.35 -12.52 -29.01
CA ILE F 11 -3.61 -12.35 -27.76
C ILE F 11 -2.14 -12.67 -27.99
N ARG F 12 -1.84 -13.58 -28.92
CA ARG F 12 -0.46 -13.85 -29.30
C ARG F 12 0.18 -12.65 -29.97
N ARG F 13 -0.55 -11.94 -30.84
CA ARG F 13 -0.02 -10.73 -31.46
C ARG F 13 0.16 -9.59 -30.45
N LEU F 14 -0.76 -9.49 -29.48
CA LEU F 14 -0.61 -8.51 -28.42
C LEU F 14 0.61 -8.81 -27.55
N ALA F 15 0.90 -10.09 -27.33
CA ALA F 15 2.08 -10.47 -26.56
C ALA F 15 3.36 -10.25 -27.37
N ARG F 16 3.31 -10.44 -28.69
CA ARG F 16 4.47 -10.17 -29.51
C ARG F 16 4.77 -8.68 -29.58
N ARG F 17 3.74 -7.84 -29.56
CA ARG F 17 3.98 -6.41 -29.42
C ARG F 17 4.50 -6.06 -28.03
N GLY F 18 3.99 -6.76 -26.99
CA GLY F 18 4.52 -6.57 -25.65
C GLY F 18 5.93 -7.07 -25.44
N GLY F 19 6.41 -7.95 -26.31
CA GLY F 19 7.76 -8.46 -26.23
C GLY F 19 7.90 -9.85 -25.65
N VAL F 20 6.96 -10.74 -25.92
CA VAL F 20 6.93 -12.06 -25.29
C VAL F 20 7.48 -13.10 -26.26
N LYS F 21 8.42 -13.92 -25.79
CA LYS F 21 9.02 -14.94 -26.62
C LYS F 21 8.24 -16.26 -26.60
N ARG F 22 7.74 -16.68 -25.45
CA ARG F 22 7.02 -17.94 -25.34
C ARG F 22 5.82 -17.78 -24.45
N ILE F 23 4.67 -18.32 -24.89
CA ILE F 23 3.39 -18.16 -24.23
C ILE F 23 2.90 -19.55 -23.81
N SER F 24 2.41 -19.67 -22.58
CA SER F 24 1.81 -20.92 -22.13
C SER F 24 0.36 -21.03 -22.61
N GLY F 25 -0.33 -22.04 -22.13
CA GLY F 25 -1.69 -22.33 -22.54
C GLY F 25 -2.79 -21.84 -21.62
N LEU F 26 -2.44 -21.34 -20.44
CA LEU F 26 -3.44 -20.84 -19.50
C LEU F 26 -3.50 -19.32 -19.46
N ILE F 27 -2.96 -18.64 -20.47
CA ILE F 27 -2.89 -17.18 -20.46
C ILE F 27 -4.17 -16.58 -21.04
N TYR F 28 -4.82 -17.30 -21.95
CA TYR F 28 -5.85 -16.71 -22.80
C TYR F 28 -7.14 -16.44 -22.03
N GLU F 29 -7.55 -17.37 -21.16
CA GLU F 29 -8.75 -17.17 -20.36
C GLU F 29 -8.58 -16.06 -19.33
N GLU F 30 -7.38 -15.97 -18.73
CA GLU F 30 -7.10 -14.88 -17.80
C GLU F 30 -7.07 -13.53 -18.51
N THR F 31 -6.55 -13.51 -19.74
CA THR F 31 -6.53 -12.28 -20.53
C THR F 31 -7.94 -11.85 -20.90
N ARG F 32 -8.80 -12.81 -21.27
CA ARG F 32 -10.20 -12.50 -21.55
C ARG F 32 -10.94 -12.00 -20.30
N GLY F 33 -10.62 -12.55 -19.12
CA GLY F 33 -11.24 -12.07 -17.90
C GLY F 33 -10.82 -10.65 -17.53
N VAL F 34 -9.53 -10.35 -17.68
CA VAL F 34 -9.03 -9.01 -17.40
C VAL F 34 -9.63 -7.99 -18.37
N LEU F 35 -9.70 -8.36 -19.66
CA LEU F 35 -10.31 -7.49 -20.66
C LEU F 35 -11.80 -7.28 -20.39
N LYS F 36 -12.49 -8.32 -19.91
CA LYS F 36 -13.91 -8.20 -19.58
C LYS F 36 -14.14 -7.27 -18.40
N VAL F 37 -13.29 -7.37 -17.36
CA VAL F 37 -13.44 -6.49 -16.19
C VAL F 37 -13.16 -5.04 -16.55
N PHE F 38 -12.10 -4.80 -17.34
CA PHE F 38 -11.75 -3.44 -17.73
C PHE F 38 -12.82 -2.82 -18.61
N LEU F 39 -13.34 -3.58 -19.58
CA LEU F 39 -14.39 -3.07 -20.45
C LEU F 39 -15.71 -2.87 -19.71
N GLU F 40 -16.03 -3.72 -18.72
CA GLU F 40 -17.24 -3.50 -17.93
C GLU F 40 -17.14 -2.22 -17.11
N ASN F 41 -15.96 -1.92 -16.56
CA ASN F 41 -15.79 -0.68 -15.81
C ASN F 41 -15.94 0.55 -16.70
N VAL F 42 -15.28 0.54 -17.87
CA VAL F 42 -15.28 1.71 -18.74
C VAL F 42 -16.66 1.91 -19.38
N ILE F 43 -17.33 0.82 -19.77
CA ILE F 43 -18.66 0.92 -20.35
C ILE F 43 -19.69 1.30 -19.29
N ARG F 44 -19.49 0.89 -18.03
CA ARG F 44 -20.36 1.33 -16.94
C ARG F 44 -20.30 2.83 -16.74
N ASP F 45 -19.07 3.39 -16.73
CA ASP F 45 -18.93 4.84 -16.60
C ASP F 45 -19.47 5.58 -17.81
N ALA F 46 -19.28 5.05 -19.02
CA ALA F 46 -19.77 5.70 -20.23
C ALA F 46 -21.29 5.71 -20.29
N VAL F 47 -21.93 4.59 -19.91
CA VAL F 47 -23.39 4.54 -19.86
C VAL F 47 -23.93 5.42 -18.74
N THR F 48 -23.16 5.62 -17.66
CA THR F 48 -23.58 6.54 -16.61
C THR F 48 -23.58 7.99 -17.12
N TYR F 49 -22.52 8.39 -17.84
CA TYR F 49 -22.51 9.72 -18.47
C TYR F 49 -23.61 9.87 -19.51
N THR F 50 -23.90 8.80 -20.26
CA THR F 50 -24.95 8.87 -21.29
C THR F 50 -26.33 9.00 -20.67
N GLU F 51 -26.59 8.29 -19.58
CA GLU F 51 -27.88 8.39 -18.90
C GLU F 51 -28.01 9.74 -18.19
N HIS F 52 -26.90 10.31 -17.74
CA HIS F 52 -26.98 11.66 -17.17
C HIS F 52 -27.22 12.71 -18.26
N ALA F 53 -26.72 12.48 -19.46
CA ALA F 53 -26.89 13.44 -20.55
C ALA F 53 -28.28 13.42 -21.18
N LYS F 54 -29.17 12.52 -20.72
CA LYS F 54 -30.54 12.35 -21.22
C LYS F 54 -30.58 12.06 -22.72
N ARG F 55 -29.66 11.22 -23.17
CA ARG F 55 -29.56 10.82 -24.57
C ARG F 55 -29.61 9.30 -24.68
N LYS F 56 -29.50 8.83 -25.92
CA LYS F 56 -29.45 7.39 -26.20
C LYS F 56 -28.22 6.99 -27.00
N THR F 57 -27.39 7.94 -27.42
CA THR F 57 -26.20 7.67 -28.21
C THR F 57 -24.96 7.90 -27.36
N VAL F 58 -24.12 6.88 -27.26
CA VAL F 58 -22.89 6.96 -26.48
C VAL F 58 -21.83 7.58 -27.39
N THR F 59 -21.48 8.83 -27.11
CA THR F 59 -20.49 9.55 -27.90
C THR F 59 -19.07 9.13 -27.51
N ALA F 60 -18.10 9.63 -28.27
CA ALA F 60 -16.70 9.37 -27.95
C ALA F 60 -16.22 10.19 -26.75
N MET F 61 -16.84 11.36 -26.51
CA MET F 61 -16.44 12.20 -25.39
C MET F 61 -16.80 11.56 -24.05
N ASP F 62 -17.88 10.78 -24.02
CA ASP F 62 -18.22 10.02 -22.81
C ASP F 62 -17.16 8.96 -22.52
N VAL F 63 -16.63 8.34 -23.58
CA VAL F 63 -15.56 7.35 -23.42
C VAL F 63 -14.27 8.03 -22.95
N VAL F 64 -13.99 9.22 -23.49
CA VAL F 64 -12.79 9.96 -23.08
C VAL F 64 -12.90 10.40 -21.62
N TYR F 65 -14.09 10.80 -21.18
CA TYR F 65 -14.28 11.19 -19.78
C TYR F 65 -14.22 9.98 -18.86
N ALA F 66 -14.73 8.82 -19.32
CA ALA F 66 -14.65 7.60 -18.54
C ALA F 66 -13.21 7.13 -18.38
N LEU F 67 -12.40 7.28 -19.43
CA LEU F 67 -10.98 6.95 -19.32
C LEU F 67 -10.22 7.99 -18.52
N LYS F 68 -10.68 9.24 -18.52
CA LYS F 68 -10.03 10.28 -17.72
C LYS F 68 -10.28 10.09 -16.23
N ARG F 69 -11.44 9.54 -15.87
CA ARG F 69 -11.68 9.20 -14.46
C ARG F 69 -10.78 8.06 -14.00
N GLN F 70 -10.51 7.09 -14.88
CA GLN F 70 -9.63 5.99 -14.52
C GLN F 70 -8.17 6.40 -14.49
N GLY F 71 -7.81 7.46 -15.21
CA GLY F 71 -6.42 7.89 -15.30
C GLY F 71 -5.73 7.38 -16.54
N ARG F 72 -6.38 7.51 -17.69
CA ARG F 72 -5.84 7.01 -18.96
C ARG F 72 -5.52 8.13 -19.93
N THR F 73 -6.42 9.10 -20.09
CA THR F 73 -6.22 10.36 -20.82
C THR F 73 -5.86 10.10 -22.28
N LEU F 74 -6.84 9.56 -23.00
CA LEU F 74 -6.66 9.22 -24.40
C LEU F 74 -6.66 10.47 -25.27
N TYR F 75 -5.61 10.65 -26.05
CA TYR F 75 -5.52 11.76 -27.00
C TYR F 75 -5.91 11.28 -28.39
N GLY F 76 -6.60 12.12 -29.14
CA GLY F 76 -6.90 11.83 -30.53
C GLY F 76 -8.37 11.75 -30.86
N PHE F 77 -9.22 11.63 -29.86
CA PHE F 77 -10.66 11.49 -30.04
C PHE F 77 -11.34 12.65 -29.32
N GLY F 78 -11.52 13.76 -30.03
CA GLY F 78 -12.15 14.93 -29.46
C GLY F 78 -11.24 15.72 -28.55
N ALA G 2 -38.78 30.02 13.80
CA ALA G 2 -37.52 29.96 13.06
C ALA G 2 -36.98 28.53 13.03
N LYS G 3 -37.61 27.68 12.23
CA LYS G 3 -37.17 26.30 12.09
C LYS G 3 -35.93 26.22 11.21
N THR G 4 -34.96 25.42 11.63
CA THR G 4 -33.76 25.22 10.83
C THR G 4 -34.08 24.32 9.64
N ARG G 5 -33.26 24.43 8.59
CA ARG G 5 -33.49 23.65 7.38
C ARG G 5 -33.12 22.19 7.58
N SER G 6 -32.18 21.92 8.49
CA SER G 6 -31.79 20.54 8.78
C SER G 6 -32.91 19.81 9.52
N SER G 7 -33.64 20.51 10.38
CA SER G 7 -34.80 19.91 11.04
C SER G 7 -35.97 19.72 10.09
N ARG G 8 -36.08 20.56 9.06
CA ARG G 8 -37.10 20.34 8.03
C ARG G 8 -36.75 19.15 7.16
N ALA G 9 -35.46 18.98 6.84
CA ALA G 9 -35.04 17.83 6.05
C ALA G 9 -35.02 16.53 6.83
N GLY G 10 -34.91 16.61 8.16
CA GLY G 10 -34.88 15.41 8.99
C GLY G 10 -33.52 14.75 9.01
N LEU G 11 -32.47 15.54 9.10
CA LEU G 11 -31.09 15.06 9.07
C LEU G 11 -30.35 15.56 10.31
N GLN G 12 -29.12 15.10 10.48
CA GLN G 12 -28.27 15.53 11.58
C GLN G 12 -27.12 16.44 11.14
N PHE G 13 -26.62 16.30 9.89
CA PHE G 13 -25.62 17.23 9.39
C PHE G 13 -26.25 18.55 8.97
N PRO G 14 -25.53 19.66 9.06
CA PRO G 14 -26.12 20.95 8.68
C PRO G 14 -26.29 21.09 7.18
N VAL G 15 -27.21 21.96 6.78
CA VAL G 15 -27.51 22.17 5.38
C VAL G 15 -27.10 23.57 4.91
N GLY G 16 -27.33 24.61 5.73
CA GLY G 16 -26.93 25.95 5.33
C GLY G 16 -25.43 26.14 5.27
N ARG G 17 -24.68 25.41 6.11
CA ARG G 17 -23.22 25.43 6.03
C ARG G 17 -22.73 24.80 4.74
N VAL G 18 -23.37 23.70 4.31
CA VAL G 18 -23.01 23.07 3.04
C VAL G 18 -23.40 23.96 1.87
N HIS G 19 -24.52 24.68 1.97
CA HIS G 19 -24.91 25.62 0.92
C HIS G 19 -23.95 26.79 0.83
N ARG G 20 -23.46 27.27 1.98
CA ARG G 20 -22.45 28.33 1.99
C ARG G 20 -21.13 27.84 1.42
N LEU G 21 -20.73 26.60 1.71
CA LEU G 21 -19.50 26.06 1.14
C LEU G 21 -19.62 25.79 -0.35
N LEU G 22 -20.83 25.51 -0.84
CA LEU G 22 -21.02 25.38 -2.28
C LEU G 22 -21.00 26.74 -2.97
N ARG G 23 -21.56 27.77 -2.31
CA ARG G 23 -21.49 29.12 -2.87
C ARG G 23 -20.11 29.75 -2.75
N LYS G 24 -19.26 29.25 -1.86
CA LYS G 24 -17.96 29.89 -1.62
C LYS G 24 -16.85 29.28 -2.46
N GLY G 25 -16.88 27.96 -2.68
CA GLY G 25 -15.78 27.27 -3.31
C GLY G 25 -15.64 27.41 -4.81
N ASN G 26 -16.54 28.19 -5.42
CA ASN G 26 -16.56 28.49 -6.86
C ASN G 26 -16.63 27.22 -7.71
N TYR G 27 -17.71 26.47 -7.53
CA TYR G 27 -17.94 25.27 -8.32
C TYR G 27 -18.83 25.55 -9.52
N ALA G 28 -19.82 26.43 -9.36
CA ALA G 28 -20.68 26.85 -10.46
C ALA G 28 -21.19 28.25 -10.14
N GLU G 29 -21.95 28.82 -11.08
CA GLU G 29 -22.52 30.14 -10.88
C GLU G 29 -23.77 30.08 -9.99
N ARG G 30 -24.54 29.00 -10.09
CA ARG G 30 -25.83 28.91 -9.41
C ARG G 30 -25.91 27.57 -8.70
N VAL G 31 -26.46 27.56 -7.49
CA VAL G 31 -26.60 26.36 -6.68
C VAL G 31 -28.09 26.14 -6.41
N GLY G 32 -28.55 24.92 -6.65
CA GLY G 32 -29.95 24.57 -6.41
C GLY G 32 -30.29 24.45 -4.93
N ALA G 33 -31.53 24.02 -4.69
CA ALA G 33 -32.08 23.96 -3.34
C ALA G 33 -32.07 22.56 -2.74
N GLY G 34 -32.02 21.51 -3.57
CA GLY G 34 -32.03 20.15 -3.04
C GLY G 34 -30.65 19.54 -2.96
N ALA G 35 -29.68 20.20 -3.60
CA ALA G 35 -28.30 19.71 -3.60
C ALA G 35 -27.63 19.69 -2.22
N PRO G 36 -27.72 20.73 -1.36
CA PRO G 36 -27.09 20.58 -0.03
C PRO G 36 -27.82 19.57 0.86
N VAL G 37 -29.13 19.42 0.71
CA VAL G 37 -29.87 18.41 1.47
C VAL G 37 -29.43 17.01 1.06
N TYR G 38 -29.32 16.78 -0.25
CA TYR G 38 -28.90 15.48 -0.78
C TYR G 38 -27.46 15.15 -0.37
N LEU G 39 -26.56 16.15 -0.46
CA LEU G 39 -25.17 15.92 -0.09
C LEU G 39 -24.99 15.74 1.40
N ALA G 40 -25.79 16.43 2.22
CA ALA G 40 -25.74 16.23 3.66
C ALA G 40 -26.27 14.86 4.05
N ALA G 41 -27.28 14.36 3.33
CA ALA G 41 -27.75 12.99 3.57
C ALA G 41 -26.70 11.95 3.21
N VAL G 42 -25.98 12.16 2.10
CA VAL G 42 -24.92 11.24 1.69
C VAL G 42 -23.77 11.25 2.70
N LEU G 43 -23.36 12.44 3.16
CA LEU G 43 -22.30 12.55 4.15
C LEU G 43 -22.71 11.95 5.50
N GLU G 44 -23.97 12.11 5.87
CA GLU G 44 -24.46 11.53 7.12
C GLU G 44 -24.49 10.01 7.05
N TYR G 45 -24.88 9.45 5.90
CA TYR G 45 -24.89 8.00 5.74
C TYR G 45 -23.48 7.42 5.77
N LEU G 46 -22.53 8.09 5.12
CA LEU G 46 -21.15 7.62 5.13
C LEU G 46 -20.53 7.72 6.52
N THR G 47 -20.80 8.82 7.24
CA THR G 47 -20.29 8.98 8.60
C THR G 47 -20.90 7.94 9.54
N ALA G 48 -22.19 7.64 9.37
CA ALA G 48 -22.84 6.62 10.18
C ALA G 48 -22.28 5.23 9.92
N GLU G 49 -21.96 4.92 8.66
CA GLU G 49 -21.35 3.63 8.33
C GLU G 49 -19.96 3.48 8.93
N ILE G 50 -19.14 4.54 8.82
CA ILE G 50 -17.78 4.53 9.38
C ILE G 50 -17.84 4.40 10.91
N LEU G 51 -18.74 5.14 11.56
CA LEU G 51 -18.82 5.07 13.01
C LEU G 51 -19.44 3.77 13.49
N GLU G 52 -20.31 3.15 12.70
CA GLU G 52 -20.87 1.85 13.07
C GLU G 52 -19.80 0.76 13.02
N LEU G 53 -18.99 0.74 11.95
CA LEU G 53 -17.92 -0.25 11.89
C LEU G 53 -16.80 0.04 12.90
N ALA G 54 -16.57 1.32 13.22
CA ALA G 54 -15.61 1.65 14.26
C ALA G 54 -16.10 1.24 15.64
N GLY G 55 -17.40 1.36 15.90
CA GLY G 55 -17.94 0.88 17.17
C GLY G 55 -17.91 -0.63 17.28
N ASN G 56 -18.11 -1.33 16.15
CA ASN G 56 -17.97 -2.78 16.15
C ASN G 56 -16.52 -3.21 16.41
N ALA G 57 -15.57 -2.51 15.78
CA ALA G 57 -14.16 -2.80 16.01
C ALA G 57 -13.70 -2.41 17.42
N ALA G 58 -14.37 -1.45 18.04
CA ALA G 58 -14.06 -1.11 19.43
C ALA G 58 -14.66 -2.10 20.41
N ARG G 59 -15.86 -2.63 20.12
CA ARG G 59 -16.43 -3.66 20.97
C ARG G 59 -15.72 -5.00 20.79
N ASP G 60 -15.06 -5.21 19.65
CA ASP G 60 -14.26 -6.43 19.49
C ASP G 60 -12.96 -6.45 20.30
N ASN G 61 -12.60 -5.42 21.09
CA ASN G 61 -11.38 -5.45 21.91
C ASN G 61 -11.64 -5.01 23.34
N LYS G 62 -12.91 -4.91 23.75
CA LYS G 62 -13.35 -4.46 25.08
C LYS G 62 -12.80 -3.07 25.40
N LYS G 63 -13.17 -2.09 24.57
CA LYS G 63 -12.79 -0.70 24.76
C LYS G 63 -14.04 0.19 24.76
N THR G 64 -13.89 1.36 25.38
CA THR G 64 -14.99 2.31 25.48
C THR G 64 -14.71 3.61 24.74
N ARG G 65 -13.69 3.63 23.87
CA ARG G 65 -13.34 4.84 23.13
C ARG G 65 -12.73 4.45 21.80
N ILE G 66 -13.17 5.12 20.74
CA ILE G 66 -12.72 4.80 19.39
C ILE G 66 -11.35 5.43 19.15
N ILE G 67 -10.40 4.61 18.69
CA ILE G 67 -9.03 5.05 18.46
C ILE G 67 -8.72 4.95 16.96
N PRO G 68 -7.67 5.62 16.45
CA PRO G 68 -7.33 5.48 15.03
C PRO G 68 -6.93 4.06 14.60
N ARG G 69 -6.48 3.20 15.52
CA ARG G 69 -6.30 1.80 15.18
C ARG G 69 -7.65 1.13 14.88
N HIS G 70 -8.68 1.46 15.66
CA HIS G 70 -10.01 0.95 15.38
C HIS G 70 -10.57 1.51 14.09
N LEU G 71 -10.26 2.77 13.78
CA LEU G 71 -10.66 3.33 12.48
C LEU G 71 -9.95 2.64 11.32
N GLN G 72 -8.66 2.33 11.49
CA GLN G 72 -7.89 1.63 10.46
C GLN G 72 -8.46 0.24 10.21
N LEU G 73 -8.78 -0.49 11.29
CA LEU G 73 -9.37 -1.82 11.15
C LEU G 73 -10.76 -1.76 10.53
N ALA G 74 -11.56 -0.75 10.91
CA ALA G 74 -12.91 -0.63 10.37
C ALA G 74 -12.90 -0.27 8.89
N VAL G 75 -11.92 0.49 8.45
CA VAL G 75 -11.82 0.81 7.02
C VAL G 75 -11.28 -0.40 6.25
N ARG G 76 -10.20 -1.01 6.72
CA ARG G 76 -9.53 -2.06 5.96
C ARG G 76 -10.24 -3.40 6.02
N ASN G 77 -11.19 -3.61 6.93
CA ASN G 77 -11.91 -4.87 6.98
C ASN G 77 -13.17 -4.89 6.11
N ASP G 78 -13.54 -3.77 5.50
CA ASP G 78 -14.68 -3.72 4.60
C ASP G 78 -14.19 -3.67 3.15
N GLU G 79 -15.01 -4.20 2.24
CA GLU G 79 -14.61 -4.30 0.84
C GLU G 79 -14.77 -2.97 0.11
N GLU G 80 -15.94 -2.33 0.24
CA GLU G 80 -16.20 -1.08 -0.47
C GLU G 80 -15.47 0.11 0.13
N LEU G 81 -15.27 0.12 1.45
CA LEU G 81 -14.57 1.23 2.08
C LEU G 81 -13.07 1.18 1.78
N ASN G 82 -12.51 -0.01 1.60
CA ASN G 82 -11.12 -0.12 1.17
C ASN G 82 -10.96 0.33 -0.28
N LYS G 83 -11.99 0.15 -1.11
CA LYS G 83 -11.98 0.65 -2.47
C LYS G 83 -12.15 2.16 -2.53
N LEU G 84 -12.94 2.73 -1.61
CA LEU G 84 -13.08 4.18 -1.54
C LEU G 84 -11.81 4.85 -1.03
N LEU G 85 -11.31 4.36 0.11
CA LEU G 85 -10.07 4.88 0.70
C LEU G 85 -8.89 4.00 0.31
N GLY G 86 -8.61 3.97 -0.99
CA GLY G 86 -7.59 3.09 -1.53
C GLY G 86 -6.17 3.57 -1.30
N ARG G 87 -5.90 4.82 -1.64
CA ARG G 87 -4.57 5.40 -1.52
C ARG G 87 -4.54 6.50 -0.46
N VAL G 88 -5.35 6.33 0.58
CA VAL G 88 -5.46 7.29 1.67
C VAL G 88 -4.76 6.71 2.89
N THR G 89 -3.80 7.45 3.44
CA THR G 89 -3.04 7.05 4.62
C THR G 89 -3.68 7.64 5.87
N ILE G 90 -3.98 6.78 6.84
CA ILE G 90 -4.55 7.19 8.12
C ILE G 90 -3.42 7.17 9.14
N ALA G 91 -3.20 8.31 9.81
CA ALA G 91 -2.10 8.43 10.76
C ALA G 91 -2.41 7.65 12.03
N GLN G 92 -1.35 7.03 12.59
CA GLN G 92 -1.41 6.20 13.80
C GLN G 92 -2.42 5.06 13.65
N GLY G 93 -2.35 4.36 12.52
CA GLY G 93 -3.29 3.30 12.23
C GLY G 93 -2.68 1.93 12.10
N GLY G 94 -1.42 1.86 11.67
CA GLY G 94 -0.77 0.58 11.50
C GLY G 94 -1.26 -0.15 10.26
N VAL G 95 -1.01 -1.47 10.24
CA VAL G 95 -1.37 -2.33 9.13
C VAL G 95 -2.18 -3.51 9.65
N LEU G 96 -2.75 -4.25 8.71
CA LEU G 96 -3.50 -5.45 9.06
C LEU G 96 -2.53 -6.58 9.40
N PRO G 97 -2.74 -7.28 10.52
CA PRO G 97 -1.88 -8.42 10.88
C PRO G 97 -2.11 -9.60 9.97
N ASN G 98 -1.11 -9.95 9.16
CA ASN G 98 -1.16 -11.13 8.33
C ASN G 98 0.23 -11.74 8.19
N ILE G 99 0.27 -13.06 8.08
CA ILE G 99 1.51 -13.82 7.92
C ILE G 99 1.32 -14.77 6.75
N GLN G 100 2.26 -14.73 5.79
CA GLN G 100 2.16 -15.56 4.61
C GLN G 100 2.38 -17.03 4.95
N SER G 101 1.85 -17.90 4.09
CA SER G 101 1.82 -19.32 4.39
C SER G 101 3.15 -20.01 4.10
N VAL G 102 4.02 -19.39 3.31
CA VAL G 102 5.29 -20.01 2.95
C VAL G 102 6.36 -19.63 3.96
N LEU G 103 5.99 -18.81 4.94
CA LEU G 103 6.92 -18.39 5.99
C LEU G 103 6.77 -19.19 7.27
N LEU G 104 5.69 -19.94 7.43
CA LEU G 104 5.47 -20.71 8.64
C LEU G 104 6.22 -22.03 8.56
N PRO G 105 6.95 -22.43 9.61
CA PRO G 105 7.68 -23.69 9.62
C PRO G 105 6.76 -24.91 9.77
N ARG H 3 -12.74 32.15 16.12
CA ARG H 3 -13.60 31.05 15.72
C ARG H 3 -12.92 30.16 14.69
N LYS H 4 -13.36 28.90 14.62
CA LYS H 4 -12.80 27.95 13.66
C LYS H 4 -13.86 26.91 13.37
N GLU H 5 -14.32 26.85 12.12
CA GLU H 5 -15.38 25.93 11.75
C GLU H 5 -14.86 24.51 11.59
N SER H 6 -15.68 23.54 11.99
CA SER H 6 -15.36 22.12 11.91
C SER H 6 -16.66 21.32 11.96
N TYR H 7 -16.53 20.01 12.09
CA TYR H 7 -17.67 19.11 12.21
C TYR H 7 -17.60 18.28 13.49
N ALA H 8 -17.11 18.87 14.57
CA ALA H 8 -16.80 18.11 15.77
C ALA H 8 -18.03 17.76 16.60
N ILE H 9 -19.15 18.46 16.44
CA ILE H 9 -20.33 18.22 17.27
C ILE H 9 -21.31 17.34 16.50
N TYR H 10 -21.25 17.38 15.18
CA TYR H 10 -22.16 16.56 14.39
C TYR H 10 -21.73 15.11 14.36
N VAL H 11 -20.43 14.84 14.43
CA VAL H 11 -19.95 13.47 14.58
C VAL H 11 -20.33 12.93 15.97
N TYR H 12 -20.32 13.79 16.99
CA TYR H 12 -20.87 13.43 18.30
C TYR H 12 -22.34 13.05 18.20
N LYS H 13 -23.12 13.85 17.46
CA LYS H 13 -24.55 13.58 17.33
C LYS H 13 -24.84 12.29 16.55
N VAL H 14 -24.01 11.96 15.57
CA VAL H 14 -24.17 10.69 14.87
C VAL H 14 -23.71 9.51 15.73
N LEU H 15 -22.62 9.70 16.50
CA LEU H 15 -22.09 8.62 17.32
C LEU H 15 -23.01 8.29 18.50
N LYS H 16 -23.65 9.30 19.09
CA LYS H 16 -24.60 9.03 20.17
C LYS H 16 -25.90 8.39 19.67
N GLN H 17 -26.14 8.35 18.36
CA GLN H 17 -27.25 7.61 17.81
C GLN H 17 -26.88 6.22 17.34
N VAL H 18 -25.64 6.02 16.86
CA VAL H 18 -25.27 4.68 16.39
C VAL H 18 -24.71 3.80 17.51
N HIS H 19 -24.05 4.38 18.53
CA HIS H 19 -23.51 3.63 19.66
C HIS H 19 -23.57 4.53 20.88
N PRO H 20 -24.59 4.38 21.73
CA PRO H 20 -24.76 5.33 22.85
C PRO H 20 -23.71 5.19 23.94
N ASP H 21 -23.28 3.98 24.27
CA ASP H 21 -22.36 3.77 25.39
C ASP H 21 -20.90 3.72 24.94
N THR H 22 -20.43 4.74 24.22
CA THR H 22 -19.04 4.81 23.81
C THR H 22 -18.62 6.26 23.66
N GLY H 23 -17.32 6.47 23.46
CA GLY H 23 -16.77 7.79 23.21
C GLY H 23 -15.82 7.77 22.03
N ILE H 24 -15.16 8.91 21.81
CA ILE H 24 -14.21 9.06 20.73
C ILE H 24 -13.17 10.10 21.15
N SER H 25 -11.94 9.91 20.68
CA SER H 25 -10.84 10.77 21.06
C SER H 25 -10.76 11.99 20.14
N SER H 26 -9.68 12.76 20.24
CA SER H 26 -9.50 13.96 19.44
C SER H 26 -8.82 13.67 18.10
N LYS H 27 -7.86 12.73 18.10
CA LYS H 27 -7.18 12.37 16.86
C LYS H 27 -8.15 11.66 15.90
N ALA H 28 -9.02 10.81 16.44
CA ALA H 28 -10.05 10.17 15.63
C ALA H 28 -11.06 11.18 15.11
N MET H 29 -11.35 12.22 15.90
CA MET H 29 -12.22 13.30 15.43
C MET H 29 -11.57 14.09 14.30
N SER H 30 -10.25 14.31 14.38
CA SER H 30 -9.54 14.98 13.29
C SER H 30 -9.53 14.12 12.02
N ILE H 31 -9.41 12.80 12.18
CA ILE H 31 -9.45 11.90 11.03
C ILE H 31 -10.84 11.89 10.40
N MET H 32 -11.90 11.91 11.23
CA MET H 32 -13.26 11.98 10.70
C MET H 32 -13.56 13.31 10.03
N ASN H 33 -13.02 14.41 10.56
CA ASN H 33 -13.20 15.72 9.92
C ASN H 33 -12.49 15.78 8.58
N SER H 34 -11.27 15.20 8.50
CA SER H 34 -10.55 15.13 7.23
C SER H 34 -11.29 14.24 6.23
N PHE H 35 -11.92 13.16 6.71
CA PHE H 35 -12.68 12.28 5.83
C PHE H 35 -13.92 12.98 5.27
N VAL H 36 -14.65 13.71 6.11
CA VAL H 36 -15.83 14.44 5.66
C VAL H 36 -15.44 15.53 4.66
N ASN H 37 -14.34 16.25 4.93
CA ASN H 37 -13.89 17.30 4.02
C ASN H 37 -13.43 16.72 2.68
N ASP H 38 -12.75 15.56 2.70
CA ASP H 38 -12.25 14.96 1.46
C ASP H 38 -13.40 14.45 0.60
N VAL H 39 -14.39 13.80 1.22
CA VAL H 39 -15.54 13.30 0.46
C VAL H 39 -16.38 14.47 -0.07
N PHE H 40 -16.51 15.54 0.71
CA PHE H 40 -17.20 16.75 0.26
C PHE H 40 -16.53 17.37 -0.95
N GLU H 41 -15.19 17.50 -0.91
CA GLU H 41 -14.47 18.10 -2.03
C GLU H 41 -14.51 17.22 -3.27
N ARG H 42 -14.46 15.89 -3.11
CA ARG H 42 -14.51 15.02 -4.28
C ARG H 42 -15.88 15.03 -4.94
N ILE H 43 -16.96 14.97 -4.15
CA ILE H 43 -18.30 15.01 -4.73
C ILE H 43 -18.59 16.36 -5.36
N ALA H 44 -18.11 17.46 -4.72
CA ALA H 44 -18.32 18.78 -5.29
C ALA H 44 -17.54 18.99 -6.57
N GLY H 45 -16.31 18.48 -6.66
CA GLY H 45 -15.55 18.60 -7.90
C GLY H 45 -16.13 17.75 -9.02
N GLU H 46 -16.61 16.55 -8.69
CA GLU H 46 -17.23 15.70 -9.71
C GLU H 46 -18.54 16.31 -10.22
N ALA H 47 -19.33 16.91 -9.32
CA ALA H 47 -20.55 17.58 -9.72
C ALA H 47 -20.27 18.83 -10.53
N SER H 48 -19.19 19.55 -10.22
CA SER H 48 -18.81 20.71 -11.00
C SER H 48 -18.40 20.33 -12.42
N ARG H 49 -17.65 19.22 -12.56
CA ARG H 49 -17.28 18.76 -13.90
C ARG H 49 -18.49 18.24 -14.67
N LEU H 50 -19.42 17.58 -13.99
CA LEU H 50 -20.64 17.10 -14.66
C LEU H 50 -21.54 18.25 -15.08
N ALA H 51 -21.56 19.34 -14.30
CA ALA H 51 -22.32 20.51 -14.69
C ALA H 51 -21.63 21.31 -15.80
N HIS H 52 -20.30 21.25 -15.87
CA HIS H 52 -19.59 21.96 -16.95
C HIS H 52 -19.67 21.20 -18.26
N TYR H 53 -19.74 19.86 -18.21
CA TYR H 53 -19.78 19.06 -19.44
C TYR H 53 -21.08 19.21 -20.21
N ASN H 54 -22.17 19.63 -19.57
CA ASN H 54 -23.47 19.73 -20.21
C ASN H 54 -23.83 21.16 -20.58
N LYS H 55 -22.86 22.08 -20.53
CA LYS H 55 -23.03 23.50 -20.87
C LYS H 55 -24.11 24.17 -20.04
N ARG H 56 -24.13 23.87 -18.75
CA ARG H 56 -25.07 24.44 -17.80
C ARG H 56 -24.32 25.16 -16.69
N SER H 57 -25.05 25.99 -15.95
CA SER H 57 -24.47 26.80 -14.88
C SER H 57 -25.14 26.57 -13.53
N THR H 58 -25.74 25.41 -13.32
CA THR H 58 -26.47 25.14 -12.08
C THR H 58 -26.20 23.71 -11.62
N ILE H 59 -25.75 23.58 -10.38
CA ILE H 59 -25.56 22.27 -9.74
C ILE H 59 -26.85 21.91 -9.02
N THR H 60 -27.45 20.79 -9.41
CA THR H 60 -28.71 20.34 -8.84
C THR H 60 -28.53 18.98 -8.17
N SER H 61 -29.63 18.47 -7.62
CA SER H 61 -29.65 17.16 -6.98
C SER H 61 -29.39 16.04 -7.98
N ARG H 62 -29.78 16.23 -9.25
CA ARG H 62 -29.41 15.27 -10.29
C ARG H 62 -27.90 15.23 -10.51
N GLU H 63 -27.25 16.40 -10.45
CA GLU H 63 -25.80 16.46 -10.60
C GLU H 63 -25.10 15.80 -9.41
N ILE H 64 -25.61 16.04 -8.20
CA ILE H 64 -25.02 15.42 -7.01
C ILE H 64 -25.24 13.90 -7.03
N GLN H 65 -26.41 13.46 -7.53
CA GLN H 65 -26.69 12.03 -7.64
C GLN H 65 -25.79 11.35 -8.66
N THR H 66 -25.53 12.02 -9.78
CA THR H 66 -24.60 11.48 -10.78
C THR H 66 -23.17 11.44 -10.24
N ALA H 67 -22.77 12.44 -9.45
CA ALA H 67 -21.45 12.43 -8.82
C ALA H 67 -21.33 11.30 -7.81
N VAL H 68 -22.39 11.03 -7.05
CA VAL H 68 -22.38 9.92 -6.09
C VAL H 68 -22.31 8.58 -6.81
N ARG H 69 -23.09 8.41 -7.89
CA ARG H 69 -23.06 7.15 -8.63
C ARG H 69 -21.73 6.94 -9.37
N LEU H 70 -21.03 8.03 -9.72
CA LEU H 70 -19.71 7.87 -10.33
C LEU H 70 -18.62 7.63 -9.29
N LEU H 71 -18.71 8.22 -8.10
CA LEU H 71 -17.64 8.13 -7.13
C LEU H 71 -17.74 6.90 -6.22
N LEU H 72 -18.94 6.57 -5.72
CA LEU H 72 -19.01 5.48 -4.76
C LEU H 72 -19.13 4.13 -5.47
N PRO H 73 -18.65 3.04 -4.84
CA PRO H 73 -18.82 1.70 -5.43
C PRO H 73 -20.26 1.20 -5.44
N GLY H 74 -20.46 0.00 -5.98
CA GLY H 74 -21.77 -0.53 -6.32
C GLY H 74 -22.82 -0.64 -5.24
N GLU H 75 -22.51 -1.33 -4.14
CA GLU H 75 -23.49 -1.53 -3.07
C GLU H 75 -23.71 -0.26 -2.25
N LEU H 76 -22.67 0.55 -2.05
CA LEU H 76 -22.77 1.72 -1.20
C LEU H 76 -23.50 2.88 -1.88
N ALA H 77 -23.33 3.02 -3.20
CA ALA H 77 -23.95 4.13 -3.92
C ALA H 77 -25.47 3.99 -3.99
N LYS H 78 -25.98 2.75 -4.04
CA LYS H 78 -27.42 2.54 -4.08
C LYS H 78 -28.08 2.98 -2.78
N HIS H 79 -27.47 2.62 -1.65
CA HIS H 79 -27.99 3.06 -0.35
C HIS H 79 -27.82 4.57 -0.16
N ALA H 80 -26.74 5.14 -0.70
CA ALA H 80 -26.56 6.60 -0.63
C ALA H 80 -27.63 7.33 -1.44
N VAL H 81 -27.95 6.83 -2.63
CA VAL H 81 -29.00 7.41 -3.47
C VAL H 81 -30.36 7.25 -2.79
N SER H 82 -30.59 6.11 -2.14
CA SER H 82 -31.86 5.88 -1.45
C SER H 82 -32.04 6.83 -0.27
N GLU H 83 -31.00 7.00 0.55
CA GLU H 83 -31.08 7.90 1.70
C GLU H 83 -31.20 9.36 1.27
N GLY H 84 -30.48 9.75 0.22
CA GLY H 84 -30.57 11.12 -0.27
C GLY H 84 -31.92 11.43 -0.90
N THR H 85 -32.49 10.47 -1.64
CA THR H 85 -33.81 10.65 -2.23
C THR H 85 -34.88 10.71 -1.16
N LYS H 86 -34.73 9.91 -0.10
CA LYS H 86 -35.66 9.98 1.04
C LYS H 86 -35.57 11.33 1.74
N ALA H 87 -34.35 11.88 1.88
CA ALA H 87 -34.19 13.19 2.52
C ALA H 87 -34.78 14.30 1.66
N VAL H 88 -34.58 14.24 0.34
CA VAL H 88 -35.14 15.26 -0.55
C VAL H 88 -36.67 15.17 -0.58
N THR H 89 -37.22 13.94 -0.53
CA THR H 89 -38.67 13.76 -0.51
C THR H 89 -39.27 14.29 0.80
N LYS H 90 -38.57 14.05 1.91
CA LYS H 90 -39.05 14.57 3.20
C LYS H 90 -38.93 16.09 3.27
N TYR H 91 -37.92 16.66 2.61
CA TYR H 91 -37.76 18.12 2.61
C TYR H 91 -38.82 18.77 1.72
N THR H 92 -39.14 18.17 0.58
CA THR H 92 -40.13 18.74 -0.32
C THR H 92 -41.56 18.37 0.04
N SER H 93 -41.77 17.46 0.98
CA SER H 93 -43.11 17.11 1.43
C SER H 93 -43.68 18.19 2.35
N GLU K 1 13.63 -50.97 39.16
CA GLU K 1 12.47 -51.00 40.06
C GLU K 1 11.94 -49.60 40.33
N PRO K 2 10.61 -49.45 40.36
CA PRO K 2 10.01 -48.13 40.60
C PRO K 2 10.01 -47.67 42.04
N ASP K 3 10.60 -48.42 42.97
CA ASP K 3 10.69 -47.98 44.35
C ASP K 3 11.71 -46.87 44.54
N LEU K 4 12.63 -46.69 43.58
CA LEU K 4 13.58 -45.59 43.63
C LEU K 4 12.89 -44.24 43.46
N THR K 5 11.75 -44.19 42.76
CA THR K 5 10.97 -42.96 42.69
C THR K 5 10.39 -42.59 44.05
N GLU K 6 9.87 -43.59 44.77
CA GLU K 6 9.35 -43.36 46.11
C GLU K 6 10.46 -43.03 47.10
N GLU K 7 11.67 -43.52 46.86
CA GLU K 7 12.80 -43.14 47.69
C GLU K 7 13.25 -41.72 47.38
N ALA K 8 13.24 -41.34 46.10
CA ALA K 8 13.65 -39.99 45.71
C ALA K 8 12.64 -38.94 46.15
N LEU K 9 11.36 -39.30 46.26
CA LEU K 9 10.38 -38.41 46.85
C LEU K 9 10.64 -38.13 48.32
N THR K 10 11.33 -39.06 49.02
CA THR K 10 11.79 -38.80 50.37
C THR K 10 13.17 -38.14 50.40
N LYS K 11 13.93 -38.23 49.30
CA LYS K 11 15.24 -37.59 49.26
C LYS K 11 15.12 -36.07 49.15
N PHE K 12 14.53 -35.57 48.07
CA PHE K 12 14.33 -34.14 47.91
C PHE K 12 12.88 -33.78 48.21
N GLU K 13 12.53 -32.52 47.99
CA GLU K 13 11.20 -32.00 48.25
C GLU K 13 10.52 -31.73 46.91
N ASN K 14 9.52 -32.54 46.59
CA ASN K 14 8.80 -32.39 45.34
C ASN K 14 7.86 -31.20 45.40
N LEU K 15 7.68 -30.54 44.26
CA LEU K 15 6.84 -29.36 44.17
C LEU K 15 5.92 -29.49 42.95
N ASP K 16 4.85 -28.70 42.95
CA ASP K 16 3.91 -28.67 41.83
C ASP K 16 3.71 -27.28 41.25
N ASP K 17 4.10 -26.22 41.95
CA ASP K 17 4.00 -24.86 41.45
C ASP K 17 5.37 -24.21 41.48
N CYS K 18 5.60 -23.29 40.54
CA CYS K 18 6.89 -22.62 40.44
C CYS K 18 7.01 -21.57 41.53
N ILE K 19 8.15 -21.57 42.21
CA ILE K 19 8.42 -20.62 43.30
C ILE K 19 9.57 -19.71 42.87
N TYR K 20 9.68 -18.57 43.54
CA TYR K 20 10.69 -17.58 43.24
C TYR K 20 11.23 -16.98 44.53
N ALA K 21 12.48 -16.52 44.49
CA ALA K 21 13.06 -15.80 45.61
C ALA K 21 12.58 -14.36 45.66
N ASN K 22 12.18 -13.78 44.52
CA ASN K 22 11.66 -12.43 44.46
C ASN K 22 10.48 -12.40 43.51
N LYS K 23 9.56 -11.47 43.75
CA LYS K 23 8.37 -11.36 42.91
C LYS K 23 8.70 -10.79 41.54
N ARG K 24 9.47 -9.71 41.49
CA ARG K 24 9.93 -9.15 40.23
C ARG K 24 11.09 -9.98 39.72
N ILE K 25 10.82 -10.92 38.82
CA ILE K 25 11.83 -11.79 38.25
C ILE K 25 11.86 -11.54 36.75
N GLY K 26 12.99 -11.85 36.12
CA GLY K 26 13.17 -11.65 34.70
C GLY K 26 12.27 -12.52 33.85
N THR K 27 11.28 -11.89 33.21
CA THR K 27 10.28 -12.58 32.42
C THR K 27 10.26 -12.00 31.00
N PHE K 28 9.23 -12.37 30.24
CA PHE K 28 9.10 -11.90 28.86
C PHE K 28 8.74 -10.42 28.86
N LYS K 29 9.50 -9.62 28.10
CA LYS K 29 9.51 -8.18 28.27
C LYS K 29 8.40 -7.46 27.51
N ASN K 30 7.53 -8.17 26.80
CA ASN K 30 6.48 -7.54 26.00
C ASN K 30 5.18 -8.30 26.25
N ASN K 31 4.43 -7.87 27.25
CA ASN K 31 3.26 -8.62 27.74
C ASN K 31 1.98 -7.97 27.23
N ASP K 32 1.44 -8.50 26.14
CA ASP K 32 0.11 -8.15 25.68
C ASP K 32 -0.68 -9.33 25.15
N PHE K 33 -0.17 -10.56 25.30
CA PHE K 33 -0.85 -11.82 24.98
C PHE K 33 -1.26 -11.92 23.51
N MET K 34 -0.28 -12.11 22.62
CA MET K 34 -0.56 -12.43 21.23
C MET K 34 -1.38 -13.72 21.14
N GLU K 35 -2.62 -13.59 20.71
CA GLU K 35 -3.53 -14.73 20.65
C GLU K 35 -3.43 -15.43 19.30
N CYS K 36 -4.20 -16.49 19.14
CA CYS K 36 -4.21 -17.29 17.93
C CYS K 36 -5.30 -16.79 16.98
N ASP K 37 -5.45 -17.51 15.86
CA ASP K 37 -6.43 -17.14 14.84
C ASP K 37 -7.41 -18.25 14.52
N CYS K 38 -7.25 -19.44 15.09
CA CYS K 38 -8.15 -20.55 14.81
C CYS K 38 -9.47 -20.34 15.55
N TYR K 39 -10.58 -20.55 14.83
CA TYR K 39 -11.91 -20.34 15.41
C TYR K 39 -12.62 -21.63 15.75
N GLU K 40 -11.97 -22.78 15.60
CA GLU K 40 -12.62 -24.06 15.86
C GLU K 40 -12.79 -24.28 17.36
N GLU K 41 -13.92 -24.86 17.74
CA GLU K 41 -14.22 -25.13 19.14
C GLU K 41 -15.13 -26.36 19.20
N PHE K 42 -14.55 -27.51 19.48
CA PHE K 42 -15.30 -28.76 19.63
C PHE K 42 -15.55 -29.03 21.12
N SER K 43 -16.41 -28.19 21.70
CA SER K 43 -16.66 -28.23 23.13
C SER K 43 -17.53 -29.41 23.54
N ASP K 44 -18.24 -30.04 22.61
CA ASP K 44 -19.08 -31.18 22.95
C ASP K 44 -18.25 -32.43 23.18
N GLY K 45 -17.23 -32.65 22.36
CA GLY K 45 -16.36 -33.81 22.52
C GLY K 45 -14.98 -33.44 23.03
N VAL K 46 -13.98 -33.59 22.16
CA VAL K 46 -12.59 -33.28 22.49
C VAL K 46 -12.13 -32.15 21.59
N ASN K 47 -11.54 -31.13 22.20
CA ASN K 47 -11.07 -29.95 21.47
C ASN K 47 -9.87 -30.32 20.60
N HIS K 48 -10.08 -30.39 19.29
CA HIS K 48 -9.02 -30.66 18.33
C HIS K 48 -8.54 -29.40 17.62
N ALA K 49 -8.59 -28.25 18.30
CA ALA K 49 -8.25 -27.00 17.65
C ALA K 49 -6.74 -26.77 17.62
N CYS K 50 -6.10 -26.72 18.78
CA CYS K 50 -4.67 -26.44 18.88
C CYS K 50 -3.92 -27.75 19.02
N ASP K 51 -3.61 -28.35 17.88
CA ASP K 51 -2.90 -29.62 17.80
C ASP K 51 -1.85 -29.48 16.68
N GLU K 52 -0.95 -30.46 16.59
CA GLU K 52 0.06 -30.47 15.54
C GLU K 52 -0.58 -30.74 14.17
N ASP K 53 0.22 -30.49 13.12
CA ASP K 53 -0.21 -30.52 11.72
C ASP K 53 -1.40 -29.59 11.49
N SER K 54 -1.32 -28.38 12.04
CA SER K 54 -2.36 -27.37 11.92
C SER K 54 -1.71 -26.00 11.74
N ASP K 55 -2.51 -24.95 11.89
CA ASP K 55 -2.06 -23.58 11.69
C ASP K 55 -2.11 -22.78 13.00
N CYS K 56 -1.73 -23.41 14.10
CA CYS K 56 -1.71 -22.73 15.39
C CYS K 56 -0.47 -21.85 15.50
N ILE K 57 -0.68 -20.54 15.48
CA ILE K 57 0.44 -19.60 15.51
C ILE K 57 1.08 -19.56 16.90
N ASN K 58 0.32 -19.89 17.96
CA ASN K 58 0.91 -19.96 19.28
C ASN K 58 1.75 -21.22 19.45
N ARG K 59 1.40 -22.30 18.74
CA ARG K 59 2.24 -23.49 18.75
C ARG K 59 3.49 -23.30 17.90
N LEU K 60 3.35 -22.65 16.75
CA LEU K 60 4.50 -22.41 15.89
C LEU K 60 5.43 -21.33 16.42
N THR K 61 4.93 -20.44 17.28
CA THR K 61 5.72 -19.35 17.83
C THR K 61 6.17 -19.67 19.25
N LEU K 62 5.84 -20.88 19.74
CA LEU K 62 6.15 -21.37 21.10
C LEU K 62 5.57 -20.45 22.17
N ILE K 63 4.24 -20.31 22.13
CA ILE K 63 3.50 -19.46 23.06
C ILE K 63 2.37 -20.29 23.67
N GLU K 64 2.27 -20.28 25.00
CA GLU K 64 1.21 -20.97 25.69
C GLU K 64 -0.13 -20.26 25.49
N CYS K 65 -1.19 -21.05 25.37
CA CYS K 65 -2.55 -20.53 25.22
C CYS K 65 -3.21 -20.46 26.59
N VAL K 66 -3.73 -19.27 26.92
CA VAL K 66 -4.36 -19.00 28.21
C VAL K 66 -5.87 -19.12 28.05
N ASN K 67 -6.53 -19.75 29.03
CA ASN K 67 -7.93 -20.09 28.92
C ASN K 67 -8.83 -18.86 28.94
N ASP K 68 -8.70 -18.03 29.97
CA ASP K 68 -9.59 -16.90 30.18
C ASP K 68 -9.15 -15.63 29.45
N LEU K 69 -8.21 -15.72 28.52
CA LEU K 69 -7.75 -14.56 27.76
C LEU K 69 -7.84 -14.75 26.25
N CYS K 70 -7.72 -15.99 25.76
CA CYS K 70 -7.73 -16.25 24.32
C CYS K 70 -9.18 -16.41 23.87
N SER K 71 -9.73 -15.35 23.29
CA SER K 71 -11.10 -15.38 22.81
C SER K 71 -11.18 -16.08 21.46
N SER K 72 -12.40 -16.52 21.13
CA SER K 72 -12.77 -17.19 19.87
C SER K 72 -11.97 -18.48 19.63
N CYS K 73 -11.55 -19.16 20.70
CA CYS K 73 -10.82 -20.41 20.59
C CYS K 73 -11.43 -21.54 21.40
N GLY K 74 -11.97 -21.24 22.58
CA GLY K 74 -12.59 -22.22 23.44
C GLY K 74 -12.16 -22.03 24.87
N ASN K 75 -12.43 -23.05 25.69
CA ASN K 75 -12.06 -23.04 27.09
C ASN K 75 -10.94 -24.01 27.42
N ASP K 76 -10.85 -25.13 26.72
CA ASP K 76 -9.77 -26.09 26.89
C ASP K 76 -9.10 -26.32 25.55
N CYS K 77 -7.77 -26.45 25.57
CA CYS K 77 -6.99 -26.64 24.36
C CYS K 77 -5.95 -27.73 24.58
N GLN K 78 -5.59 -28.42 23.49
CA GLN K 78 -4.53 -29.41 23.54
C GLN K 78 -3.14 -28.81 23.49
N ASN K 79 -3.03 -27.50 23.23
CA ASN K 79 -1.77 -26.80 23.42
C ASN K 79 -1.45 -26.63 24.90
N GLN K 80 -2.47 -26.66 25.75
CA GLN K 80 -2.31 -26.52 27.20
C GLN K 80 -1.75 -27.82 27.74
N ARG K 81 -0.42 -27.94 27.70
CA ARG K 81 0.28 -29.12 28.18
C ARG K 81 1.15 -28.83 29.40
N PHE K 82 1.11 -27.60 29.92
CA PHE K 82 1.84 -27.23 31.12
C PHE K 82 0.94 -26.94 32.31
N GLN K 83 -0.17 -26.24 32.10
CA GLN K 83 -1.08 -25.93 33.19
C GLN K 83 -1.92 -27.15 33.57
N LYS K 84 -2.24 -27.99 32.58
CA LYS K 84 -2.93 -29.25 32.83
C LYS K 84 -2.00 -30.35 33.29
N LYS K 85 -0.68 -30.17 33.10
CA LYS K 85 0.36 -31.14 33.44
C LYS K 85 0.14 -32.49 32.76
N GLN K 86 -0.07 -32.45 31.44
CA GLN K 86 -0.24 -33.65 30.63
C GLN K 86 1.12 -34.29 30.43
N TYR K 87 1.53 -35.08 31.43
CA TYR K 87 2.88 -35.61 31.49
C TYR K 87 2.95 -36.99 30.83
N ALA K 88 4.07 -37.67 30.99
CA ALA K 88 4.36 -38.99 30.47
C ALA K 88 4.64 -39.95 31.62
N PRO K 89 4.42 -41.25 31.44
CA PRO K 89 4.82 -42.21 32.48
C PRO K 89 6.34 -42.28 32.62
N ILE K 90 6.79 -42.21 33.87
CA ILE K 90 8.21 -42.07 34.20
C ILE K 90 8.59 -43.16 35.19
N ALA K 91 9.83 -43.62 35.09
CA ALA K 91 10.34 -44.66 35.99
C ALA K 91 11.84 -44.47 36.14
N ILE K 92 12.28 -44.12 37.35
CA ILE K 92 13.69 -43.89 37.62
C ILE K 92 14.35 -45.22 37.94
N PHE K 93 15.27 -45.66 37.08
CA PHE K 93 15.94 -46.93 37.21
C PHE K 93 17.44 -46.72 37.41
N LYS K 94 18.15 -47.83 37.62
CA LYS K 94 19.58 -47.78 37.86
C LYS K 94 20.36 -47.83 36.55
N THR K 95 21.60 -47.34 36.62
CA THR K 95 22.56 -47.42 35.51
C THR K 95 23.78 -48.21 35.96
N LYS K 96 24.81 -48.23 35.11
CA LYS K 96 26.03 -48.95 35.44
C LYS K 96 26.95 -48.11 36.33
N HIS K 97 27.38 -46.95 35.83
CA HIS K 97 28.28 -46.08 36.58
C HIS K 97 27.80 -44.63 36.63
N LYS K 98 26.71 -44.30 35.95
CA LYS K 98 26.23 -42.91 35.95
C LYS K 98 25.44 -42.61 37.22
N GLY K 99 24.55 -43.52 37.61
CA GLY K 99 23.73 -43.31 38.80
C GLY K 99 22.31 -43.80 38.63
N TYR K 100 21.35 -42.92 38.89
CA TYR K 100 19.93 -43.24 38.75
C TYR K 100 19.42 -42.51 37.51
N GLY K 101 19.55 -43.15 36.36
CA GLY K 101 19.11 -42.57 35.09
C GLY K 101 17.66 -42.90 34.80
N VAL K 102 16.94 -41.91 34.28
CA VAL K 102 15.53 -42.07 33.95
C VAL K 102 15.42 -42.84 32.65
N ARG K 103 14.82 -44.03 32.71
CA ARG K 103 14.58 -44.84 31.53
C ARG K 103 13.09 -44.79 31.17
N ALA K 104 12.81 -44.76 29.87
CA ALA K 104 11.44 -44.57 29.40
C ALA K 104 10.58 -45.80 29.67
N GLU K 105 9.28 -45.56 29.85
CA GLU K 105 8.35 -46.63 30.16
C GLU K 105 7.75 -47.23 28.88
N GLN K 106 7.11 -46.39 28.06
CA GLN K 106 6.45 -46.87 26.86
C GLN K 106 7.02 -46.19 25.61
N ASP K 107 6.41 -46.46 24.45
CA ASP K 107 6.87 -45.89 23.19
C ASP K 107 6.41 -44.43 23.10
N ILE K 108 7.37 -43.51 23.11
CA ILE K 108 7.10 -42.09 22.98
C ILE K 108 7.49 -41.66 21.58
N GLU K 109 6.54 -41.06 20.85
CA GLU K 109 6.78 -40.67 19.47
C GLU K 109 7.64 -39.42 19.40
N ALA K 110 8.01 -39.03 18.18
CA ALA K 110 8.82 -37.85 17.97
C ALA K 110 8.00 -36.59 18.17
N ASN K 111 8.65 -35.56 18.74
CA ASN K 111 8.07 -34.25 19.07
C ASN K 111 6.86 -34.42 20.00
N GLN K 112 7.15 -34.99 21.16
CA GLN K 112 6.14 -35.25 22.18
C GLN K 112 6.69 -34.86 23.54
N PHE K 113 5.87 -34.16 24.32
CA PHE K 113 6.29 -33.67 25.63
C PHE K 113 6.33 -34.81 26.64
N ILE K 114 7.37 -34.82 27.48
CA ILE K 114 7.57 -35.90 28.44
C ILE K 114 7.33 -35.39 29.85
N TYR K 115 8.15 -34.45 30.31
CA TYR K 115 8.06 -33.97 31.68
C TYR K 115 8.70 -32.60 31.78
N GLU K 116 8.15 -31.74 32.63
CA GLU K 116 8.62 -30.37 32.76
C GLU K 116 9.69 -30.25 33.84
N TYR K 117 10.81 -29.62 33.48
CA TYR K 117 11.87 -29.37 34.45
C TYR K 117 11.47 -28.24 35.39
N LYS K 118 11.41 -28.52 36.68
CA LYS K 118 11.01 -27.55 37.69
C LYS K 118 12.11 -27.39 38.73
N GLY K 119 11.91 -26.44 39.63
CA GLY K 119 12.84 -26.19 40.70
C GLY K 119 12.83 -24.73 41.11
N GLU K 120 13.76 -24.40 42.00
CA GLU K 120 13.88 -23.04 42.50
C GLU K 120 14.51 -22.13 41.46
N VAL K 121 14.34 -20.82 41.67
CA VAL K 121 14.94 -19.79 40.82
C VAL K 121 15.82 -18.92 41.71
N ILE K 122 17.09 -18.80 41.35
CA ILE K 122 18.08 -18.14 42.19
C ILE K 122 18.67 -16.97 41.39
N GLU K 123 19.17 -15.98 42.13
CA GLU K 123 19.87 -14.83 41.59
C GLU K 123 21.37 -15.12 41.62
N GLU K 124 22.11 -14.48 40.69
CA GLU K 124 23.54 -14.75 40.51
C GLU K 124 24.35 -14.37 41.74
N MET K 125 23.97 -13.29 42.43
CA MET K 125 24.66 -12.91 43.67
C MET K 125 24.42 -13.93 44.77
N GLU K 126 23.25 -14.59 44.75
CA GLU K 126 23.04 -15.72 45.64
C GLU K 126 23.61 -17.01 45.06
N PHE K 127 23.69 -17.11 43.72
CA PHE K 127 24.25 -18.29 43.09
C PHE K 127 25.73 -18.44 43.37
N ARG K 128 26.44 -17.33 43.62
CA ARG K 128 27.84 -17.41 44.03
C ARG K 128 27.97 -18.14 45.37
N ASP K 129 27.15 -17.77 46.35
CA ASP K 129 27.16 -18.45 47.65
C ASP K 129 26.65 -19.88 47.54
N ARG K 130 25.70 -20.14 46.63
CA ARG K 130 25.24 -21.50 46.39
C ARG K 130 26.36 -22.37 45.80
N LEU K 131 27.15 -21.81 44.88
CA LEU K 131 28.28 -22.55 44.33
C LEU K 131 29.34 -22.79 45.39
N ILE K 132 29.58 -21.80 46.26
CA ILE K 132 30.60 -21.94 47.31
C ILE K 132 30.21 -23.02 48.32
N ASP K 133 28.96 -22.98 48.83
CA ASP K 133 28.65 -23.96 49.87
C ASP K 133 28.31 -25.33 49.28
N TYR K 134 27.83 -25.40 48.02
CA TYR K 134 27.67 -26.71 47.39
C TYR K 134 29.02 -27.30 47.00
N ASP K 135 30.04 -26.47 46.81
CA ASP K 135 31.38 -26.99 46.56
C ASP K 135 32.06 -27.45 47.85
N GLN K 136 31.90 -26.71 48.94
CA GLN K 136 32.57 -27.08 50.18
C GLN K 136 31.82 -28.15 50.97
N ARG K 137 30.53 -28.37 50.71
CA ARG K 137 29.83 -29.49 51.32
C ARG K 137 30.00 -30.79 50.54
N HIS K 138 30.65 -30.74 49.37
CA HIS K 138 31.06 -31.90 48.57
C HIS K 138 29.86 -32.74 48.13
N PHE K 139 28.98 -32.11 47.35
CA PHE K 139 27.88 -32.84 46.73
C PHE K 139 28.37 -33.60 45.50
N LYS K 140 27.69 -34.70 45.18
CA LYS K 140 28.17 -35.60 44.14
C LYS K 140 27.87 -35.08 42.73
N HIS K 141 26.80 -34.30 42.56
CA HIS K 141 26.40 -33.87 41.23
C HIS K 141 26.05 -32.38 41.29
N PHE K 142 25.61 -31.85 40.15
CA PHE K 142 25.11 -30.49 40.05
C PHE K 142 23.77 -30.53 39.32
N TYR K 143 22.86 -29.66 39.74
CA TYR K 143 21.46 -29.72 39.30
C TYR K 143 20.97 -28.34 38.92
N PHE K 144 21.76 -27.62 38.12
CA PHE K 144 21.44 -26.24 37.76
C PHE K 144 20.99 -26.15 36.31
N MET K 145 20.53 -24.96 35.93
CA MET K 145 19.96 -24.71 34.61
C MET K 145 20.00 -23.21 34.34
N MET K 146 20.36 -22.84 33.11
CA MET K 146 20.37 -21.44 32.69
C MET K 146 18.98 -21.06 32.18
N LEU K 147 18.44 -19.96 32.69
CA LEU K 147 17.16 -19.43 32.24
C LEU K 147 17.31 -18.19 31.39
N GLN K 148 18.09 -17.21 31.85
CA GLN K 148 18.36 -15.99 31.10
C GLN K 148 19.85 -15.67 31.26
N ASN K 149 20.23 -14.44 30.89
CA ASN K 149 21.63 -14.04 30.97
C ASN K 149 22.10 -13.81 32.39
N GLY K 150 21.20 -13.61 33.34
CA GLY K 150 21.59 -13.35 34.71
C GLY K 150 20.76 -14.08 35.75
N GLU K 151 19.88 -14.98 35.30
CA GLU K 151 19.03 -15.73 36.20
C GLU K 151 19.14 -17.21 35.90
N PHE K 152 19.30 -18.01 36.97
CA PHE K 152 19.50 -19.45 36.87
C PHE K 152 18.34 -20.18 37.54
N ILE K 153 18.36 -21.51 37.42
CA ILE K 153 17.32 -22.38 37.98
C ILE K 153 18.02 -23.43 38.84
N ASP K 154 17.67 -23.48 40.12
CA ASP K 154 18.23 -24.46 41.04
C ASP K 154 17.22 -25.58 41.27
N ALA K 155 17.73 -26.81 41.35
CA ALA K 155 16.87 -27.97 41.59
C ALA K 155 17.49 -28.97 42.56
N THR K 156 18.41 -28.54 43.42
CA THR K 156 19.06 -29.47 44.34
C THR K 156 18.15 -29.82 45.50
N ILE K 157 17.75 -28.82 46.29
CA ILE K 157 16.87 -29.07 47.44
C ILE K 157 15.44 -29.28 46.98
N LYS K 158 14.90 -28.30 46.24
CA LYS K 158 13.55 -28.37 45.70
C LYS K 158 13.66 -28.52 44.18
N GLY K 159 13.28 -29.69 43.67
CA GLY K 159 13.40 -30.00 42.26
C GLY K 159 12.16 -30.70 41.74
N SER K 160 12.39 -31.59 40.78
CA SER K 160 11.32 -32.32 40.11
C SER K 160 11.88 -33.70 39.73
N LEU K 161 11.18 -34.38 38.82
CA LEU K 161 11.65 -35.70 38.39
C LEU K 161 12.61 -35.62 37.22
N ALA K 162 12.73 -34.45 36.59
CA ALA K 162 13.62 -34.27 35.44
C ALA K 162 15.04 -33.91 35.83
N ARG K 163 15.37 -33.91 37.13
CA ARG K 163 16.72 -33.59 37.59
C ARG K 163 17.66 -34.79 37.55
N PHE K 164 17.17 -35.96 37.17
CA PHE K 164 17.98 -37.18 37.26
C PHE K 164 18.66 -37.57 35.95
N CYS K 165 18.17 -37.06 34.81
CA CYS K 165 18.57 -37.54 33.49
C CYS K 165 20.03 -37.23 33.20
N ASN K 166 20.71 -38.19 32.56
CA ASN K 166 22.14 -38.11 32.33
C ASN K 166 22.46 -37.46 31.00
N HIS K 167 23.75 -37.30 30.73
CA HIS K 167 24.24 -36.71 29.49
C HIS K 167 24.72 -37.79 28.52
N SER K 168 24.42 -37.58 27.24
CA SER K 168 24.91 -38.45 26.19
C SER K 168 25.15 -37.62 24.94
N CYS K 169 26.15 -38.02 24.17
CA CYS K 169 26.51 -37.35 22.93
C CYS K 169 25.66 -37.79 21.74
N SER K 170 24.82 -38.81 21.92
CA SER K 170 23.83 -39.21 20.92
C SER K 170 22.46 -39.12 21.57
N PRO K 171 21.91 -37.91 21.72
CA PRO K 171 20.70 -37.73 22.53
C PRO K 171 19.44 -38.15 21.78
N ASN K 172 18.34 -38.20 22.53
CA ASN K 172 17.01 -38.42 21.98
C ASN K 172 15.99 -37.42 22.51
N ALA K 173 16.44 -36.25 22.96
CA ALA K 173 15.56 -35.26 23.57
C ALA K 173 16.18 -33.88 23.41
N TYR K 174 15.32 -32.86 23.39
CA TYR K 174 15.76 -31.48 23.32
C TYR K 174 14.87 -30.62 24.21
N VAL K 175 15.37 -29.44 24.55
CA VAL K 175 14.73 -28.55 25.53
C VAL K 175 14.35 -27.25 24.84
N ASN K 176 13.10 -26.85 24.97
CA ASN K 176 12.60 -25.58 24.48
C ASN K 176 12.22 -24.67 25.65
N LYS K 177 11.78 -23.46 25.32
CA LYS K 177 11.33 -22.48 26.30
C LYS K 177 9.96 -21.96 25.88
N TRP K 178 9.13 -21.63 26.87
CA TRP K 178 7.73 -21.28 26.64
C TRP K 178 7.36 -20.12 27.56
N VAL K 179 6.38 -19.33 27.12
CA VAL K 179 5.89 -18.18 27.87
C VAL K 179 4.49 -18.52 28.37
N VAL K 180 4.38 -18.83 29.67
CA VAL K 180 3.14 -19.31 30.27
C VAL K 180 2.71 -18.27 31.31
N LYS K 181 1.85 -17.33 30.89
CA LYS K 181 1.34 -16.24 31.74
C LYS K 181 2.47 -15.41 32.35
N ASP K 182 3.37 -14.93 31.50
CA ASP K 182 4.58 -14.17 31.87
C ASP K 182 5.44 -14.99 32.84
N LYS K 183 5.75 -16.20 32.41
CA LYS K 183 6.66 -17.10 33.11
C LYS K 183 7.45 -17.87 32.07
N LEU K 184 8.76 -17.99 32.29
CA LEU K 184 9.64 -18.75 31.41
C LEU K 184 9.82 -20.14 31.99
N ARG K 185 9.13 -21.12 31.41
CA ARG K 185 9.13 -22.49 31.88
C ARG K 185 9.89 -23.38 30.91
N MET K 186 10.49 -24.44 31.43
CA MET K 186 11.26 -25.37 30.62
C MET K 186 10.34 -26.45 30.06
N GLY K 187 10.94 -27.49 29.48
CA GLY K 187 10.19 -28.59 28.90
C GLY K 187 11.08 -29.45 28.03
N ILE K 188 10.86 -30.76 28.07
CA ILE K 188 11.70 -31.72 27.35
C ILE K 188 10.83 -32.46 26.34
N PHE K 189 11.14 -32.30 25.07
CA PHE K 189 10.45 -33.00 24.00
C PHE K 189 11.25 -34.25 23.62
N ALA K 190 10.87 -34.89 22.51
CA ALA K 190 11.56 -36.07 22.01
C ALA K 190 12.04 -35.83 20.59
N GLN K 191 13.27 -36.25 20.31
CA GLN K 191 13.83 -36.10 18.97
C GLN K 191 13.27 -37.16 18.03
N ARG K 192 13.50 -38.43 18.33
CA ARG K 192 13.01 -39.56 17.55
C ARG K 192 12.02 -40.36 18.38
N LYS K 193 11.55 -41.47 17.80
CA LYS K 193 10.62 -42.36 18.48
C LYS K 193 11.38 -43.15 19.53
N ILE K 194 11.23 -42.76 20.80
CA ILE K 194 11.90 -43.44 21.90
C ILE K 194 11.19 -44.76 22.16
N LEU K 195 11.94 -45.86 22.05
CA LEU K 195 11.39 -47.19 22.24
C LEU K 195 11.33 -47.54 23.73
N LYS K 196 10.80 -48.72 24.02
CA LYS K 196 10.70 -49.19 25.40
C LYS K 196 12.06 -49.59 25.92
N GLY K 197 12.39 -49.13 27.13
CA GLY K 197 13.66 -49.50 27.74
C GLY K 197 14.84 -48.68 27.27
N GLU K 198 14.64 -47.39 26.98
CA GLU K 198 15.71 -46.50 26.55
C GLU K 198 15.82 -45.32 27.50
N GLU K 199 17.04 -45.01 27.91
CA GLU K 199 17.27 -43.89 28.82
C GLU K 199 17.16 -42.57 28.06
N ILE K 200 16.30 -41.69 28.56
CA ILE K 200 16.08 -40.40 27.91
C ILE K 200 17.19 -39.43 28.33
N THR K 201 18.05 -39.07 27.38
CA THR K 201 19.16 -38.17 27.64
C THR K 201 19.06 -36.98 26.70
N PHE K 202 19.79 -35.91 27.03
CA PHE K 202 19.83 -34.72 26.20
C PHE K 202 21.18 -34.02 26.39
N ASP K 203 21.49 -33.13 25.45
CA ASP K 203 22.76 -32.41 25.48
C ASP K 203 22.73 -31.35 26.56
N TYR K 204 23.78 -31.32 27.40
CA TYR K 204 23.87 -30.29 28.43
C TYR K 204 24.46 -29.00 27.89
N ASN K 205 25.56 -29.12 27.13
CA ASN K 205 26.39 -27.99 26.66
C ASN K 205 26.83 -27.11 27.83
N VAL K 206 27.39 -27.76 28.85
CA VAL K 206 27.75 -27.08 30.09
C VAL K 206 29.05 -26.32 29.87
N ASP K 207 29.14 -25.13 30.47
CA ASP K 207 30.37 -24.33 30.45
C ASP K 207 30.85 -24.20 31.90
N ARG K 208 31.62 -25.18 32.34
CA ARG K 208 32.12 -25.20 33.71
C ARG K 208 33.41 -24.38 33.81
N TYR K 209 33.66 -23.87 35.02
CA TYR K 209 34.87 -23.10 35.29
C TYR K 209 35.48 -23.40 36.65
N GLY K 210 35.05 -24.48 37.31
CA GLY K 210 35.57 -24.83 38.62
C GLY K 210 36.86 -25.60 38.55
N ALA K 211 37.21 -26.22 39.67
CA ALA K 211 38.44 -27.00 39.80
C ALA K 211 38.20 -28.51 39.64
N GLN K 212 37.24 -28.90 38.82
CA GLN K 212 36.96 -30.32 38.61
C GLN K 212 36.45 -30.53 37.19
N ALA K 213 37.01 -31.51 36.51
CA ALA K 213 36.62 -31.88 35.14
C ALA K 213 36.08 -33.30 35.19
N GLN K 214 34.76 -33.45 35.10
CA GLN K 214 34.14 -34.76 35.17
C GLN K 214 34.29 -35.51 33.85
N LYS K 215 33.96 -36.78 33.89
CA LYS K 215 34.02 -37.66 32.72
C LYS K 215 32.63 -38.18 32.39
N CYS K 216 32.52 -38.77 31.19
CA CYS K 216 31.26 -39.32 30.72
C CYS K 216 31.41 -40.82 30.46
N TYR K 217 30.28 -41.53 30.52
CA TYR K 217 30.25 -42.97 30.31
C TYR K 217 29.24 -43.36 29.24
N CYS K 218 29.08 -42.54 28.20
CA CYS K 218 28.16 -42.86 27.13
C CYS K 218 28.74 -43.91 26.18
N GLU K 219 30.03 -43.79 25.87
CA GLU K 219 30.81 -44.72 25.05
C GLU K 219 30.25 -44.88 23.64
N GLU K 220 29.61 -43.85 23.10
CA GLU K 220 29.11 -43.85 21.73
C GLU K 220 30.19 -43.32 20.78
N PRO K 221 30.14 -43.70 19.49
CA PRO K 221 31.17 -43.21 18.56
C PRO K 221 30.94 -41.79 18.05
N ASN K 222 30.56 -40.86 18.95
CA ASN K 222 30.51 -39.45 18.62
C ASN K 222 30.97 -38.57 19.79
N CYS K 223 31.54 -39.16 20.83
CA CYS K 223 31.85 -38.44 22.06
C CYS K 223 33.23 -37.79 21.99
N ILE K 224 33.54 -37.03 23.03
CA ILE K 224 34.84 -36.38 23.18
C ILE K 224 35.56 -36.86 24.43
N GLY K 225 34.88 -36.82 25.58
CA GLY K 225 35.47 -37.25 26.83
C GLY K 225 35.23 -36.27 27.96
N PHE K 226 35.14 -34.98 27.63
CA PHE K 226 34.92 -33.94 28.60
C PHE K 226 33.47 -33.45 28.56
N LEU K 227 33.13 -32.57 29.49
CA LEU K 227 31.80 -31.99 29.60
C LEU K 227 31.90 -30.52 29.18
N GLY K 228 31.73 -30.27 27.89
CA GLY K 228 31.80 -28.92 27.35
C GLY K 228 33.20 -28.37 27.26
#